data_8D81
#
_entry.id   8D81
#
_cell.length_a   1.00
_cell.length_b   1.00
_cell.length_c   1.00
_cell.angle_alpha   90.00
_cell.angle_beta   90.00
_cell.angle_gamma   90.00
#
_symmetry.space_group_name_H-M   'P 1'
#
loop_
_entity.id
_entity.type
_entity.pdbx_description
1 polymer 'DNA damage-binding protein 1'
2 polymer 'Protein cereblon'
3 non-polymer 'ZINC ION'
4 non-polymer S-Pomalidomide
#
loop_
_entity_poly.entity_id
_entity_poly.type
_entity_poly.pdbx_seq_one_letter_code
_entity_poly.pdbx_strand_id
1 'polypeptide(L)'
;MSYNYVVTAQKPTAVNGCVTGHFTSAEDLNLLIAKNTRLEIYVVTAEGLRPVKEVGMYGKIAVMELFRPKGESKDLLFIL
TAKYNACILEYKQSGESIDIITRAHGNVQDRIGRPSETGIIGIIDPECRMIGLRLYDGLFKVIPLDRDNKELKAFNIRLE
ELHVIDVKFLYGCQAPTICFVYQDPQGRHVKTYEVSLREKEFNKGPWKQENVEAEASMVIAVPEPFGGAIIIGQESITYH
NGDKYLAIAPPIIKQSTIVCHNRVDPNGSRYLLGDMEGRLFMLLLEKEEQMDGTVTLKDLRVELLGETSIAECLTYLDNG
VVFVGSRLGDSQLVKLNVDSNEQGSYVVAMETFTNLGPIVDMCVVDLERQGQGQLVTCSGAFKEGSLRIIRNGIGGNGNS
GEIQKLHIRTVPLYESPRKICYQEVSQCFGVLSSRIEVQDTSGGTTALRPSASTQALSSSVSSSKLFSSSTAPHETSFGE
EVEVHNLLIIDQHTFEVLHAHQFLQNEYALSLVSCKLGKDPNTYFIVGTAMVYPEEAEPKQGRIVVFQYSDGKLQTVAEK
EVKGAVYSMVEFNGKLLASINSTVRLYEWTTEKELRTECNHYNNIMALYLKTKGDFILVGDLMRSVLLLAYKPMEGNFEE
IARDFNPNWMSAVEILDDDNFLGAENAFNLFVCQKDSAATTDEERQHLQEVGLFHLGEFVNVFCHGSLVMQNLGETSTPT
QGSVLFGTVNGMIGLVTSLSESWYNLLLDMQNRLNKVIKSVGKIEHSFWRSFHTERKTEPATGFIDGDLIESFLDISRPK
MQEVVANLQYDDGSGMKREATADDLIKVVEELTRIH
;
A
2 'polypeptide(L)'
;MAGEGDQQDAAHNMGNHLPLLPAESEEEDEMEVEDQDSKEAKKPNIINFDTSLPTSHTYLGADMEEFHGRTLHDDDSCQV
IPVLPQVMMILIPGQTLPLQLFHPQEVSMVRNLIQKDRTFAVLAYSNVQEREAQFGTTAEIYAYREEQDFGIEIVKVKAI
GRQRFKVLELRTQSDGIQQAKVQILPECVLPSTMSAVQLESLNKCQIFPSKPVSREDQCSYKWWQKYQKRKFHCANLTSW
PRWLYSLYDAETLMDRIKKQLREWDENLKDDSLPSNPIDFSYRVAACLPIDDVLRIQLLKIGSAIQRLRCELDIMNKCTS
LCCKQCQETEITTKNEIFSLSLCGPMAAYVNPHGYVHETLTVYKACNLNLIGRPSTEHSWFPGYAWTVAQCKICASHIGW
KFTATKKDMSPQKFWGLTRSALLPTIPDTEDEISPDKVILCL
;
B
#
# COMPACT_ATOMS: atom_id res chain seq x y z
N MET A 1 -28.63 -2.47 0.13
CA MET A 1 -29.17 -2.39 -1.21
C MET A 1 -28.26 -3.09 -2.23
N SER A 2 -27.41 -3.99 -1.72
CA SER A 2 -26.53 -4.79 -2.55
C SER A 2 -26.89 -6.26 -2.51
N TYR A 3 -27.08 -6.82 -1.31
CA TYR A 3 -27.53 -8.20 -1.12
C TYR A 3 -26.59 -9.20 -1.79
N ASN A 4 -25.30 -9.08 -1.46
CA ASN A 4 -24.28 -9.97 -1.98
C ASN A 4 -23.98 -11.08 -0.98
N TYR A 5 -23.37 -12.16 -1.48
CA TYR A 5 -23.15 -13.36 -0.69
C TYR A 5 -21.75 -13.88 -0.99
N VAL A 6 -20.84 -13.74 -0.04
CA VAL A 6 -19.45 -14.17 -0.20
C VAL A 6 -19.26 -15.48 0.54
N VAL A 7 -18.70 -16.47 -0.15
CA VAL A 7 -18.45 -17.79 0.42
C VAL A 7 -17.07 -18.25 0.00
N THR A 8 -16.47 -19.12 0.81
CA THR A 8 -15.13 -19.65 0.57
C THR A 8 -15.24 -21.05 -0.02
N ALA A 9 -14.59 -21.27 -1.16
CA ALA A 9 -14.62 -22.55 -1.85
C ALA A 9 -13.42 -23.43 -1.52
N GLN A 10 -12.21 -22.87 -1.56
CA GLN A 10 -10.99 -23.61 -1.29
C GLN A 10 -10.24 -22.87 -0.19
N LYS A 11 -10.03 -23.53 0.94
CA LYS A 11 -9.53 -22.86 2.13
C LYS A 11 -8.06 -22.46 1.94
N PRO A 12 -7.66 -21.30 2.45
CA PRO A 12 -6.31 -20.78 2.13
C PRO A 12 -5.22 -21.74 2.59
N THR A 13 -4.14 -21.78 1.80
CA THR A 13 -3.06 -22.74 2.02
C THR A 13 -1.68 -22.09 2.16
N ALA A 14 -1.60 -20.76 2.11
CA ALA A 14 -0.33 -20.10 2.38
C ALA A 14 0.05 -20.24 3.85
N VAL A 15 1.35 -20.25 4.13
CA VAL A 15 1.88 -20.44 5.48
C VAL A 15 2.62 -19.19 5.88
N ASN A 16 2.28 -18.65 7.05
CA ASN A 16 2.94 -17.46 7.60
C ASN A 16 3.27 -17.68 9.07
N GLY A 17 3.84 -18.84 9.38
CA GLY A 17 4.27 -19.12 10.74
C GLY A 17 4.01 -20.55 11.18
N CYS A 18 5.02 -21.19 11.77
CA CYS A 18 4.86 -22.55 12.29
C CYS A 18 5.73 -22.70 13.52
N VAL A 19 5.17 -23.30 14.57
CA VAL A 19 5.89 -23.54 15.83
C VAL A 19 5.57 -24.94 16.32
N THR A 20 6.45 -25.46 17.19
CA THR A 20 6.28 -26.77 17.78
C THR A 20 6.36 -26.70 19.30
N GLY A 21 5.66 -27.62 19.93
CA GLY A 21 5.62 -27.73 21.38
C GLY A 21 4.62 -28.77 21.81
N HIS A 22 4.74 -29.26 23.04
CA HIS A 22 3.80 -30.27 23.52
C HIS A 22 2.46 -29.63 23.81
N PHE A 23 1.62 -29.50 22.77
CA PHE A 23 0.36 -28.77 22.87
C PHE A 23 -0.80 -29.70 23.23
N THR A 24 -1.02 -30.73 22.41
CA THR A 24 -2.12 -31.66 22.67
C THR A 24 -1.85 -32.47 23.93
N SER A 25 -0.63 -32.97 24.10
CA SER A 25 -0.28 -33.77 25.26
C SER A 25 1.21 -33.62 25.54
N ALA A 26 1.59 -33.94 26.77
CA ALA A 26 2.99 -33.84 27.17
C ALA A 26 3.88 -34.84 26.45
N GLU A 27 3.30 -35.89 25.87
CA GLU A 27 4.07 -36.92 25.18
C GLU A 27 4.14 -36.71 23.68
N ASP A 28 3.16 -36.05 23.08
CA ASP A 28 3.15 -35.84 21.64
C ASP A 28 3.97 -34.61 21.27
N LEU A 29 4.32 -34.53 19.98
CA LEU A 29 5.04 -33.39 19.42
C LEU A 29 4.22 -32.86 18.26
N ASN A 30 3.76 -31.62 18.37
CA ASN A 30 2.83 -31.03 17.41
C ASN A 30 3.54 -30.00 16.55
N LEU A 31 3.02 -29.80 15.34
CA LEU A 31 3.51 -28.79 14.41
C LEU A 31 2.32 -27.91 14.05
N LEU A 32 2.09 -26.87 14.85
CA LEU A 32 0.98 -25.95 14.60
C LEU A 32 1.32 -25.05 13.42
N ILE A 33 0.54 -25.18 12.35
CA ILE A 33 0.74 -24.38 11.14
C ILE A 33 -0.30 -23.28 11.13
N ALA A 34 0.15 -22.03 11.16
CA ALA A 34 -0.73 -20.87 11.10
C ALA A 34 -0.79 -20.41 9.65
N LYS A 35 -1.95 -20.59 9.01
CA LYS A 35 -2.07 -20.25 7.59
C LYS A 35 -2.56 -18.82 7.39
N ASN A 36 -3.78 -18.52 7.87
CA ASN A 36 -4.33 -17.17 7.79
C ASN A 36 -5.54 -17.05 8.70
N THR A 37 -6.73 -17.23 8.14
CA THR A 37 -7.94 -17.31 8.95
C THR A 37 -8.13 -18.68 9.57
N ARG A 38 -7.34 -19.67 9.16
CA ARG A 38 -7.47 -21.03 9.64
C ARG A 38 -6.22 -21.45 10.41
N LEU A 39 -6.41 -22.35 11.37
CA LEU A 39 -5.32 -22.93 12.14
C LEU A 39 -5.42 -24.44 12.08
N GLU A 40 -4.30 -25.10 11.82
CA GLU A 40 -4.26 -26.56 11.72
C GLU A 40 -3.26 -27.10 12.73
N ILE A 41 -3.66 -28.17 13.43
CA ILE A 41 -2.83 -28.83 14.42
C ILE A 41 -2.48 -30.21 13.90
N TYR A 42 -1.19 -30.45 13.67
CA TYR A 42 -0.70 -31.73 13.17
C TYR A 42 -0.02 -32.49 14.29
N VAL A 43 0.20 -33.79 14.05
CA VAL A 43 0.94 -34.66 14.95
C VAL A 43 2.02 -35.36 14.14
N VAL A 44 3.25 -35.30 14.61
CA VAL A 44 4.37 -35.89 13.88
C VAL A 44 4.49 -37.36 14.24
N THR A 45 4.84 -38.17 13.24
CA THR A 45 5.07 -39.60 13.42
C THR A 45 6.26 -40.00 12.55
N ALA A 46 6.58 -41.30 12.58
CA ALA A 46 7.70 -41.79 11.79
C ALA A 46 7.45 -41.61 10.30
N GLU A 47 6.25 -41.93 9.83
CA GLU A 47 5.95 -41.81 8.40
C GLU A 47 5.85 -40.35 7.97
N GLY A 48 5.21 -39.51 8.78
CA GLY A 48 5.06 -38.11 8.42
C GLY A 48 4.13 -37.33 9.32
N LEU A 49 3.22 -36.56 8.73
CA LEU A 49 2.32 -35.69 9.47
C LEU A 49 0.90 -36.24 9.42
N ARG A 50 0.26 -36.32 10.58
CA ARG A 50 -1.12 -36.77 10.68
C ARG A 50 -2.00 -35.63 11.15
N PRO A 51 -2.87 -35.09 10.30
CA PRO A 51 -3.73 -33.97 10.72
C PRO A 51 -4.70 -34.39 11.81
N VAL A 52 -5.03 -33.44 12.68
CA VAL A 52 -5.90 -33.66 13.82
C VAL A 52 -7.12 -32.74 13.81
N LYS A 53 -6.89 -31.44 13.61
CA LYS A 53 -7.97 -30.46 13.70
C LYS A 53 -7.81 -29.41 12.62
N GLU A 54 -8.95 -28.88 12.17
CA GLU A 54 -9.02 -27.74 11.24
C GLU A 54 -9.89 -26.69 11.91
N VAL A 55 -9.28 -25.80 12.68
CA VAL A 55 -10.00 -24.78 13.44
C VAL A 55 -9.76 -23.42 12.77
N GLY A 56 -10.83 -22.68 12.55
CA GLY A 56 -10.73 -21.38 11.91
C GLY A 56 -11.05 -20.23 12.84
N MET A 57 -10.09 -19.33 13.04
CA MET A 57 -10.28 -18.17 13.90
C MET A 57 -10.96 -17.04 13.12
N TYR A 58 -11.44 -16.05 13.88
CA TYR A 58 -12.08 -14.87 13.31
C TYR A 58 -11.06 -13.74 13.17
N GLY A 59 -9.99 -14.02 12.43
CA GLY A 59 -8.97 -13.03 12.20
C GLY A 59 -7.78 -13.61 11.48
N LYS A 60 -6.81 -12.74 11.22
CA LYS A 60 -5.57 -13.10 10.55
C LYS A 60 -4.48 -13.30 11.60
N ILE A 61 -3.86 -14.48 11.60
CA ILE A 61 -2.81 -14.77 12.56
C ILE A 61 -1.58 -13.92 12.25
N ALA A 62 -1.01 -13.29 13.27
CA ALA A 62 0.17 -12.46 13.08
C ALA A 62 1.28 -12.88 14.04
N VAL A 63 0.91 -13.35 15.23
CA VAL A 63 1.86 -13.79 16.23
C VAL A 63 1.38 -15.12 16.81
N MET A 64 2.27 -16.10 16.88
CA MET A 64 1.92 -17.41 17.43
C MET A 64 3.19 -18.03 18.03
N GLU A 65 3.29 -17.99 19.36
CA GLU A 65 4.38 -18.62 20.07
C GLU A 65 3.83 -19.38 21.28
N LEU A 66 4.41 -20.54 21.55
CA LEU A 66 3.95 -21.38 22.65
C LEU A 66 4.77 -21.11 23.91
N PHE A 67 4.08 -21.11 25.05
CA PHE A 67 4.71 -20.90 26.35
C PHE A 67 4.11 -21.86 27.35
N ARG A 68 4.85 -22.13 28.42
CA ARG A 68 4.43 -23.06 29.46
C ARG A 68 4.56 -22.39 30.83
N PRO A 69 3.48 -21.79 31.32
CA PRO A 69 3.51 -21.22 32.68
C PRO A 69 3.60 -22.32 33.73
N LYS A 70 4.11 -21.92 34.90
CA LYS A 70 4.31 -22.88 35.98
C LYS A 70 2.99 -23.49 36.43
N GLY A 71 3.03 -24.76 36.79
CA GLY A 71 1.84 -25.45 37.22
C GLY A 71 0.96 -25.98 36.10
N GLU A 72 1.48 -26.03 34.88
CA GLU A 72 0.72 -26.49 33.72
C GLU A 72 1.28 -27.81 33.21
N SER A 73 0.39 -28.69 32.75
CA SER A 73 0.80 -29.99 32.24
C SER A 73 1.08 -29.95 30.73
N LYS A 74 0.20 -29.32 29.96
CA LYS A 74 0.36 -29.20 28.53
C LYS A 74 0.49 -27.73 28.15
N ASP A 75 1.23 -27.48 27.07
CA ASP A 75 1.53 -26.11 26.67
C ASP A 75 0.27 -25.38 26.26
N LEU A 76 0.18 -24.11 26.66
CA LEU A 76 -0.88 -23.24 26.17
C LEU A 76 -0.45 -22.62 24.85
N LEU A 77 -1.34 -21.82 24.27
CA LEU A 77 -1.09 -21.18 22.99
C LEU A 77 -1.50 -19.71 23.06
N PHE A 78 -0.63 -18.84 22.57
CA PHE A 78 -0.88 -17.40 22.55
C PHE A 78 -0.97 -16.96 21.09
N ILE A 79 -2.08 -16.32 20.73
CA ILE A 79 -2.34 -15.91 19.35
C ILE A 79 -2.75 -14.44 19.36
N LEU A 80 -2.11 -13.64 18.52
CA LEU A 80 -2.46 -12.24 18.35
C LEU A 80 -2.90 -12.02 16.90
N THR A 81 -4.03 -11.35 16.74
CA THR A 81 -4.64 -11.10 15.43
C THR A 81 -4.24 -9.71 14.94
N ALA A 82 -4.27 -9.55 13.60
CA ALA A 82 -3.95 -8.26 13.01
C ALA A 82 -4.86 -7.15 13.54
N LYS A 83 -6.13 -7.46 13.79
CA LYS A 83 -7.04 -6.52 14.43
C LYS A 83 -6.86 -6.46 15.94
N TYR A 84 -5.77 -7.02 16.46
CA TYR A 84 -5.42 -6.94 17.87
C TYR A 84 -6.48 -7.61 18.75
N ASN A 85 -6.91 -8.80 18.32
CA ASN A 85 -7.81 -9.63 19.12
C ASN A 85 -7.00 -10.71 19.84
N ALA A 86 -6.28 -10.27 20.88
CA ALA A 86 -5.43 -11.18 21.64
C ALA A 86 -6.26 -12.24 22.33
N CYS A 87 -5.70 -13.45 22.40
CA CYS A 87 -6.37 -14.57 23.06
C CYS A 87 -5.34 -15.61 23.44
N ILE A 88 -5.66 -16.40 24.46
CA ILE A 88 -4.82 -17.49 24.91
C ILE A 88 -5.65 -18.76 24.85
N LEU A 89 -5.26 -19.68 23.96
CA LEU A 89 -6.00 -20.89 23.71
C LEU A 89 -5.35 -22.07 24.41
N GLU A 90 -6.18 -23.01 24.86
CA GLU A 90 -5.71 -24.22 25.54
C GLU A 90 -6.39 -25.42 24.92
N TYR A 91 -5.59 -26.41 24.51
CA TYR A 91 -6.11 -27.62 23.90
C TYR A 91 -6.66 -28.56 24.96
N LYS A 92 -7.74 -29.26 24.62
CA LYS A 92 -8.40 -30.14 25.57
C LYS A 92 -9.19 -31.19 24.81
N GLN A 93 -8.94 -32.46 25.09
CA GLN A 93 -9.64 -33.57 24.45
C GLN A 93 -10.87 -33.93 25.28
N SER A 94 -12.05 -33.63 24.75
CA SER A 94 -13.32 -34.01 25.37
C SER A 94 -13.92 -35.14 24.56
N GLY A 95 -13.73 -36.38 25.03
CA GLY A 95 -14.23 -37.53 24.32
C GLY A 95 -13.66 -37.62 22.92
N GLU A 96 -14.51 -37.40 21.92
CA GLU A 96 -14.09 -37.30 20.54
C GLU A 96 -14.40 -35.95 19.92
N SER A 97 -15.19 -35.11 20.59
CA SER A 97 -15.48 -33.75 20.12
C SER A 97 -14.41 -32.78 20.60
N ILE A 98 -13.20 -32.97 20.08
CA ILE A 98 -12.04 -32.16 20.44
C ILE A 98 -12.33 -30.69 20.17
N ASP A 99 -12.25 -29.86 21.22
CA ASP A 99 -12.51 -28.44 21.11
C ASP A 99 -11.39 -27.66 21.78
N ILE A 100 -11.19 -26.42 21.31
CA ILE A 100 -10.17 -25.53 21.84
C ILE A 100 -10.89 -24.46 22.64
N ILE A 101 -10.82 -24.56 23.97
CA ILE A 101 -11.42 -23.54 24.83
C ILE A 101 -10.51 -22.33 24.90
N THR A 102 -11.08 -21.21 25.33
CA THR A 102 -10.38 -19.93 25.38
C THR A 102 -10.15 -19.56 26.84
N ARG A 103 -8.87 -19.38 27.21
CA ARG A 103 -8.54 -19.03 28.58
C ARG A 103 -8.78 -17.54 28.86
N ALA A 104 -8.48 -16.68 27.90
CA ALA A 104 -8.63 -15.25 28.09
C ALA A 104 -8.81 -14.57 26.75
N HIS A 105 -9.36 -13.35 26.78
CA HIS A 105 -9.62 -12.60 25.57
C HIS A 105 -9.67 -11.12 25.91
N GLY A 106 -9.41 -10.30 24.90
CA GLY A 106 -9.47 -8.85 25.09
C GLY A 106 -8.66 -8.07 24.07
N ASN A 107 -9.22 -6.97 23.59
CA ASN A 107 -8.52 -6.15 22.61
C ASN A 107 -7.35 -5.42 23.28
N VAL A 108 -6.33 -5.13 22.47
CA VAL A 108 -5.11 -4.52 23.00
C VAL A 108 -4.70 -3.29 22.20
N GLN A 109 -5.55 -2.84 21.28
CA GLN A 109 -5.20 -1.70 20.44
C GLN A 109 -5.33 -0.41 21.25
N ASP A 110 -4.54 0.59 20.85
CA ASP A 110 -4.56 1.91 21.47
C ASP A 110 -5.42 2.85 20.65
N ARG A 111 -6.00 3.85 21.35
CA ARG A 111 -6.92 4.78 20.69
C ARG A 111 -6.20 5.59 19.60
N ILE A 112 -5.01 6.07 19.89
CA ILE A 112 -4.26 6.92 18.97
C ILE A 112 -2.84 6.39 18.84
N GLY A 113 -2.33 6.37 17.61
CA GLY A 113 -0.98 5.91 17.35
C GLY A 113 -0.84 5.19 16.02
N ARG A 114 0.18 5.56 15.25
CA ARG A 114 0.40 4.92 13.96
C ARG A 114 1.03 3.53 14.17
N PRO A 115 0.54 2.52 13.46
CA PRO A 115 1.14 1.19 13.57
C PRO A 115 2.59 1.19 13.12
N SER A 116 3.39 0.34 13.75
CA SER A 116 4.80 0.27 13.43
C SER A 116 5.01 -0.13 11.98
N GLU A 117 5.97 0.53 11.33
CA GLU A 117 6.23 0.26 9.92
C GLU A 117 6.87 -1.11 9.72
N THR A 118 7.66 -1.58 10.68
CA THR A 118 8.27 -2.90 10.57
C THR A 118 7.21 -4.00 10.67
N GLY A 119 6.28 -3.87 11.59
CA GLY A 119 5.22 -4.84 11.76
C GLY A 119 5.12 -5.35 13.19
N ILE A 120 4.05 -6.11 13.43
CA ILE A 120 3.78 -6.65 14.75
C ILE A 120 4.85 -7.66 15.14
N ILE A 121 5.32 -7.57 16.39
CA ILE A 121 6.32 -8.48 16.92
C ILE A 121 5.77 -9.10 18.21
N GLY A 122 5.85 -10.41 18.31
CA GLY A 122 5.42 -11.11 19.51
C GLY A 122 6.54 -11.88 20.18
N ILE A 123 6.79 -11.59 21.46
CA ILE A 123 7.89 -12.18 22.20
C ILE A 123 7.41 -12.53 23.61
N ILE A 124 7.96 -13.62 24.15
CA ILE A 124 7.57 -14.13 25.45
C ILE A 124 8.82 -14.45 26.27
N ASP A 125 8.79 -14.06 27.54
CA ASP A 125 9.87 -14.40 28.45
C ASP A 125 9.99 -15.93 28.55
N PRO A 126 11.20 -16.48 28.45
CA PRO A 126 11.35 -17.94 28.65
C PRO A 126 10.84 -18.43 29.98
N GLU A 127 10.92 -17.62 31.03
CA GLU A 127 10.33 -17.98 32.32
C GLU A 127 8.82 -17.77 32.35
N CYS A 128 8.23 -17.30 31.26
CA CYS A 128 6.80 -17.01 31.19
C CYS A 128 6.38 -16.02 32.27
N ARG A 129 7.17 -14.96 32.40
CA ARG A 129 6.87 -13.90 33.37
C ARG A 129 5.96 -12.82 32.77
N MET A 130 6.03 -12.60 31.47
CA MET A 130 5.16 -11.62 30.81
C MET A 130 5.13 -11.93 29.33
N ILE A 131 4.33 -11.15 28.61
CA ILE A 131 4.21 -11.26 27.16
C ILE A 131 4.48 -9.88 26.58
N GLY A 132 5.41 -9.80 25.63
CA GLY A 132 5.78 -8.55 25.02
C GLY A 132 5.16 -8.35 23.65
N LEU A 133 5.02 -7.08 23.27
CA LEU A 133 4.49 -6.71 21.96
C LEU A 133 5.12 -5.40 21.54
N ARG A 134 5.09 -5.14 20.23
CA ARG A 134 5.51 -3.85 19.67
C ARG A 134 4.50 -3.51 18.57
N LEU A 135 3.45 -2.80 18.94
CA LEU A 135 2.37 -2.47 18.01
C LEU A 135 2.50 -1.07 17.45
N TYR A 136 2.93 -0.10 18.25
CA TYR A 136 3.09 1.28 17.82
C TYR A 136 4.51 1.75 18.07
N ASP A 137 4.98 2.65 17.21
CA ASP A 137 6.34 3.16 17.32
C ASP A 137 6.53 3.85 18.66
N GLY A 138 7.64 3.53 19.34
CA GLY A 138 7.95 4.14 20.61
C GLY A 138 7.09 3.68 21.76
N LEU A 139 6.33 2.60 21.59
CA LEU A 139 5.44 2.09 22.65
C LEU A 139 5.57 0.56 22.67
N PHE A 140 6.48 0.07 23.51
CA PHE A 140 6.70 -1.37 23.68
C PHE A 140 5.67 -1.88 24.67
N LYS A 141 4.54 -2.35 24.14
CA LYS A 141 3.44 -2.80 24.98
C LYS A 141 3.81 -4.06 25.75
N VAL A 142 3.42 -4.11 27.02
CA VAL A 142 3.70 -5.24 27.90
C VAL A 142 2.39 -5.73 28.49
N ILE A 143 2.16 -7.04 28.42
CA ILE A 143 0.96 -7.65 28.96
C ILE A 143 1.35 -8.59 30.09
N PRO A 144 1.09 -8.24 31.35
CA PRO A 144 1.42 -9.16 32.45
C PRO A 144 0.64 -10.46 32.34
N LEU A 145 1.25 -11.53 32.81
CA LEU A 145 0.65 -12.86 32.77
C LEU A 145 0.52 -13.38 34.19
N ASP A 146 -0.72 -13.60 34.63
CA ASP A 146 -0.99 -14.11 35.97
C ASP A 146 -2.26 -14.95 35.92
N ARG A 147 -2.43 -15.79 36.95
CA ARG A 147 -3.62 -16.63 37.03
C ARG A 147 -4.89 -15.79 37.16
N ASP A 148 -4.81 -14.64 37.83
CA ASP A 148 -5.95 -13.76 37.99
C ASP A 148 -6.19 -12.85 36.78
N ASN A 149 -5.25 -12.81 35.83
CA ASN A 149 -5.35 -11.91 34.68
C ASN A 149 -6.12 -12.62 33.58
N LYS A 150 -7.45 -12.46 33.61
CA LYS A 150 -8.33 -13.03 32.60
C LYS A 150 -8.87 -11.98 31.64
N GLU A 151 -8.27 -10.79 31.62
CA GLU A 151 -8.71 -9.71 30.74
C GLU A 151 -7.60 -9.15 29.86
N LEU A 152 -6.34 -9.47 30.17
CA LEU A 152 -5.18 -9.01 29.39
C LEU A 152 -5.10 -7.49 29.37
N LYS A 153 -4.94 -6.91 30.56
CA LYS A 153 -4.70 -5.49 30.70
C LYS A 153 -3.25 -5.17 30.35
N ALA A 154 -3.05 -4.17 29.50
CA ALA A 154 -1.72 -3.83 29.00
C ALA A 154 -1.36 -2.40 29.40
N PHE A 155 -0.12 -2.21 29.84
CA PHE A 155 0.40 -0.90 30.17
C PHE A 155 1.58 -0.58 29.25
N ASN A 156 1.56 0.61 28.67
CA ASN A 156 2.61 1.00 27.73
C ASN A 156 3.89 1.36 28.47
N ILE A 157 5.02 1.09 27.81
CA ILE A 157 6.33 1.52 28.28
C ILE A 157 7.01 2.25 27.13
N ARG A 158 7.56 3.43 27.42
CA ARG A 158 8.14 4.28 26.38
C ARG A 158 9.50 3.75 25.96
N LEU A 159 9.71 3.64 24.65
CA LEU A 159 10.99 3.26 24.07
C LEU A 159 11.75 4.52 23.68
N GLU A 160 13.03 4.57 24.05
CA GLU A 160 13.82 5.77 23.78
C GLU A 160 14.10 5.97 22.30
N GLU A 161 14.05 4.90 21.51
CA GLU A 161 14.31 4.98 20.07
C GLU A 161 13.05 4.63 19.31
N LEU A 162 12.82 5.34 18.19
CA LEU A 162 11.60 5.16 17.42
C LEU A 162 11.70 3.98 16.47
N HIS A 163 12.75 3.93 15.65
CA HIS A 163 12.91 2.89 14.63
C HIS A 163 13.57 1.69 15.29
N VAL A 164 12.78 0.66 15.57
CA VAL A 164 13.26 -0.57 16.19
C VAL A 164 13.16 -1.70 15.16
N ILE A 165 14.27 -2.41 14.96
CA ILE A 165 14.31 -3.46 13.94
C ILE A 165 13.73 -4.76 14.47
N ASP A 166 14.35 -5.33 15.50
CA ASP A 166 13.96 -6.62 16.03
C ASP A 166 14.21 -6.63 17.53
N VAL A 167 13.25 -7.16 18.28
CA VAL A 167 13.38 -7.32 19.72
C VAL A 167 12.99 -8.74 20.10
N LYS A 168 13.82 -9.39 20.91
CA LYS A 168 13.58 -10.74 21.39
C LYS A 168 14.20 -10.89 22.77
N PHE A 169 13.50 -11.60 23.65
CA PHE A 169 13.97 -11.79 25.01
C PHE A 169 15.24 -12.64 25.04
N LEU A 170 16.05 -12.41 26.06
CA LEU A 170 17.29 -13.17 26.28
C LEU A 170 17.08 -14.24 27.33
N TYR A 171 17.94 -15.25 27.29
CA TYR A 171 17.87 -16.41 28.17
C TYR A 171 18.95 -16.33 29.24
N GLY A 172 18.72 -17.08 30.32
CA GLY A 172 19.69 -17.19 31.39
C GLY A 172 19.95 -15.93 32.18
N CYS A 173 18.89 -15.21 32.55
CA CYS A 173 19.02 -14.01 33.36
C CYS A 173 18.05 -14.07 34.53
N GLN A 174 18.47 -13.52 35.66
CA GLN A 174 17.61 -13.49 36.84
C GLN A 174 16.37 -12.63 36.60
N ALA A 175 16.55 -11.48 35.97
CA ALA A 175 15.46 -10.58 35.65
C ALA A 175 15.19 -10.59 34.15
N PRO A 176 13.96 -10.32 33.72
CA PRO A 176 13.67 -10.30 32.29
C PRO A 176 14.54 -9.28 31.56
N THR A 177 14.99 -9.67 30.36
CA THR A 177 15.93 -8.86 29.60
C THR A 177 15.55 -8.93 28.13
N ILE A 178 15.60 -7.77 27.45
CA ILE A 178 15.36 -7.70 26.02
C ILE A 178 16.64 -7.23 25.34
N CYS A 179 16.76 -7.57 24.06
CA CYS A 179 17.94 -7.23 23.27
C CYS A 179 17.48 -6.84 21.87
N PHE A 180 17.49 -5.56 21.57
CA PHE A 180 16.96 -5.05 20.31
C PHE A 180 17.97 -4.13 19.65
N VAL A 181 17.86 -4.02 18.32
CA VAL A 181 18.70 -3.17 17.51
C VAL A 181 17.84 -2.08 16.89
N TYR A 182 18.27 -0.83 17.02
CA TYR A 182 17.53 0.32 16.54
C TYR A 182 18.33 1.08 15.48
N GLN A 183 17.63 1.99 14.80
CA GLN A 183 18.22 2.78 13.72
C GLN A 183 18.44 4.21 14.18
N ASP A 184 19.63 4.73 13.92
CA ASP A 184 19.99 6.10 14.24
C ASP A 184 20.83 6.66 13.10
N PRO A 185 20.84 7.99 12.93
CA PRO A 185 21.69 8.58 11.88
C PRO A 185 23.17 8.26 12.04
N GLN A 186 23.64 8.10 13.28
CA GLN A 186 25.02 7.72 13.51
C GLN A 186 25.29 6.25 13.21
N GLY A 187 24.25 5.44 13.03
CA GLY A 187 24.41 4.04 12.74
C GLY A 187 23.45 3.16 13.50
N ARG A 188 23.60 1.84 13.38
CA ARG A 188 22.79 0.88 14.09
C ARG A 188 23.51 0.39 15.33
N HIS A 189 22.80 0.27 16.44
CA HIS A 189 23.36 -0.18 17.70
C HIS A 189 22.46 -1.25 18.31
N VAL A 190 23.07 -2.09 19.14
CA VAL A 190 22.34 -3.09 19.92
C VAL A 190 22.39 -2.66 21.39
N LYS A 191 21.21 -2.46 21.98
CA LYS A 191 21.11 -1.99 23.35
C LYS A 191 20.05 -2.81 24.08
N THR A 192 20.29 -3.05 25.36
CA THR A 192 19.44 -3.93 26.16
C THR A 192 18.82 -3.17 27.32
N TYR A 193 17.63 -3.60 27.72
CA TYR A 193 16.90 -3.03 28.84
C TYR A 193 16.44 -4.15 29.77
N GLU A 194 16.34 -3.83 31.05
CA GLU A 194 15.91 -4.78 32.07
C GLU A 194 14.51 -4.37 32.52
N VAL A 195 13.50 -4.97 31.89
CA VAL A 195 12.12 -4.59 32.17
C VAL A 195 11.72 -5.09 33.55
N SER A 196 11.18 -4.19 34.37
CA SER A 196 10.71 -4.52 35.70
C SER A 196 9.20 -4.33 35.75
N LEU A 197 8.49 -5.34 36.25
CA LEU A 197 7.03 -5.27 36.31
C LEU A 197 6.55 -4.38 37.45
N ARG A 198 7.26 -4.39 38.59
CA ARG A 198 6.82 -3.61 39.74
C ARG A 198 6.87 -2.11 39.46
N GLU A 199 7.93 -1.65 38.78
CA GLU A 199 8.08 -0.24 38.47
C GLU A 199 7.40 0.16 37.16
N LYS A 200 7.07 -0.80 36.31
CA LYS A 200 6.42 -0.54 35.03
C LYS A 200 7.24 0.43 34.17
N GLU A 201 8.56 0.29 34.23
CA GLU A 201 9.47 1.15 33.48
C GLU A 201 10.76 0.37 33.21
N PHE A 202 11.56 0.91 32.29
CA PHE A 202 12.80 0.28 31.90
C PHE A 202 13.86 0.45 33.00
N ASN A 203 15.04 -0.09 32.74
CA ASN A 203 16.16 -0.02 33.67
C ASN A 203 17.45 -0.03 32.87
N LYS A 204 18.57 -0.30 33.54
CA LYS A 204 19.88 -0.34 32.91
C LYS A 204 20.21 -1.78 32.52
N GLY A 205 20.65 -1.96 31.28
CA GLY A 205 20.90 -3.29 30.75
C GLY A 205 22.17 -3.92 31.29
N PRO A 206 22.24 -5.25 31.22
CA PRO A 206 23.44 -5.93 31.72
C PRO A 206 24.73 -5.54 31.01
N TRP A 207 24.67 -5.31 29.69
CA TRP A 207 25.85 -4.93 28.93
C TRP A 207 25.53 -3.75 28.02
N LYS A 208 26.47 -2.82 27.92
CA LYS A 208 26.23 -1.54 27.27
C LYS A 208 26.01 -1.71 25.77
N GLN A 209 25.62 -0.60 25.14
CA GLN A 209 25.36 -0.59 23.71
C GLN A 209 26.65 -0.84 22.92
N GLU A 210 26.54 -1.61 21.85
CA GLU A 210 27.67 -1.94 20.99
C GLU A 210 27.30 -1.65 19.55
N ASN A 211 28.24 -1.04 18.81
CA ASN A 211 28.02 -0.80 17.39
C ASN A 211 28.01 -2.11 16.62
N VAL A 212 27.17 -2.17 15.59
CA VAL A 212 26.96 -3.38 14.81
C VAL A 212 27.05 -3.00 13.33
N GLU A 213 27.05 -4.03 12.49
CA GLU A 213 27.10 -3.83 11.04
C GLU A 213 25.89 -3.03 10.57
N ALA A 214 26.09 -2.23 9.53
CA ALA A 214 25.07 -1.34 8.99
C ALA A 214 23.92 -2.08 8.32
N GLU A 215 23.85 -3.41 8.36
CA GLU A 215 22.75 -4.15 7.78
C GLU A 215 22.25 -5.22 8.73
N ALA A 216 22.30 -4.94 10.03
CA ALA A 216 21.77 -5.87 11.02
C ALA A 216 20.25 -5.93 10.93
N SER A 217 19.71 -7.13 10.72
CA SER A 217 18.29 -7.30 10.46
C SER A 217 17.60 -8.18 11.48
N MET A 218 18.15 -9.33 11.81
CA MET A 218 17.46 -10.32 12.61
C MET A 218 18.34 -10.76 13.78
N VAL A 219 17.70 -11.03 14.91
CA VAL A 219 18.38 -11.30 16.18
C VAL A 219 17.94 -12.66 16.70
N ILE A 220 18.91 -13.51 17.04
CA ILE A 220 18.65 -14.83 17.60
C ILE A 220 19.17 -14.85 19.04
N ALA A 221 18.33 -15.32 19.96
CA ALA A 221 18.73 -15.46 21.35
C ALA A 221 19.27 -16.86 21.59
N VAL A 222 20.54 -16.96 21.96
CA VAL A 222 21.17 -18.25 22.22
C VAL A 222 20.80 -18.70 23.63
N PRO A 223 20.24 -19.89 23.80
CA PRO A 223 19.85 -20.34 25.14
C PRO A 223 21.04 -20.73 26.01
N GLU A 224 20.76 -21.25 27.20
CA GLU A 224 21.81 -21.67 28.11
C GLU A 224 22.60 -22.82 27.50
N PRO A 225 23.88 -22.98 27.88
CA PRO A 225 24.63 -22.16 28.83
C PRO A 225 25.41 -21.01 28.20
N PHE A 226 25.23 -20.80 26.89
CA PHE A 226 26.00 -19.76 26.19
C PHE A 226 25.54 -18.36 26.61
N GLY A 227 24.27 -18.06 26.40
CA GLY A 227 23.75 -16.74 26.68
C GLY A 227 24.05 -15.75 25.56
N GLY A 228 23.49 -14.56 25.70
CA GLY A 228 23.70 -13.53 24.71
C GLY A 228 22.82 -13.70 23.49
N ALA A 229 23.06 -12.83 22.50
CA ALA A 229 22.29 -12.82 21.28
C ALA A 229 23.22 -12.86 20.08
N ILE A 230 22.72 -13.44 18.99
CA ILE A 230 23.44 -13.51 17.73
C ILE A 230 22.75 -12.58 16.75
N ILE A 231 23.46 -11.55 16.29
CA ILE A 231 22.94 -10.56 15.36
C ILE A 231 23.42 -10.95 13.97
N ILE A 232 22.48 -11.33 13.11
CA ILE A 232 22.80 -11.80 11.76
C ILE A 232 22.53 -10.67 10.77
N GLY A 233 23.54 -10.32 9.98
CA GLY A 233 23.42 -9.29 8.99
C GLY A 233 23.51 -9.83 7.57
N GLN A 234 23.68 -8.91 6.63
CA GLN A 234 23.80 -9.30 5.23
C GLN A 234 25.15 -9.93 4.94
N GLU A 235 26.19 -9.56 5.69
CA GLU A 235 27.54 -10.01 5.41
C GLU A 235 28.20 -10.76 6.56
N SER A 236 27.72 -10.60 7.79
CA SER A 236 28.37 -11.20 8.95
C SER A 236 27.34 -11.71 9.94
N ILE A 237 27.73 -12.75 10.67
CA ILE A 237 26.94 -13.29 11.78
C ILE A 237 27.76 -13.06 13.04
N THR A 238 27.28 -12.21 13.93
CA THR A 238 28.02 -11.77 15.10
C THR A 238 27.45 -12.42 16.36
N TYR A 239 28.11 -12.15 17.48
CA TYR A 239 27.71 -12.70 18.77
C TYR A 239 28.13 -11.72 19.86
N HIS A 240 27.19 -11.35 20.72
CA HIS A 240 27.42 -10.38 21.78
C HIS A 240 27.10 -11.01 23.13
N ASN A 241 28.03 -10.88 24.07
CA ASN A 241 27.80 -11.34 25.44
C ASN A 241 28.39 -10.37 26.45
N GLY A 242 28.66 -9.12 26.07
CA GLY A 242 29.32 -8.19 26.95
C GLY A 242 30.83 -8.27 26.80
N ASP A 243 31.47 -9.00 27.72
CA ASP A 243 32.92 -9.20 27.62
C ASP A 243 33.28 -9.98 26.35
N LYS A 244 32.49 -10.99 26.02
CA LYS A 244 32.77 -11.85 24.87
C LYS A 244 32.24 -11.22 23.59
N TYR A 245 32.96 -11.44 22.49
CA TYR A 245 32.56 -10.89 21.20
C TYR A 245 33.23 -11.72 20.10
N LEU A 246 32.41 -12.40 19.29
CA LEU A 246 32.89 -13.17 18.15
C LEU A 246 32.14 -12.74 16.91
N ALA A 247 32.86 -12.65 15.79
CA ALA A 247 32.26 -12.26 14.52
C ALA A 247 33.02 -12.90 13.38
N ILE A 248 32.29 -13.34 12.36
CA ILE A 248 32.88 -13.93 11.17
C ILE A 248 32.17 -13.34 9.95
N ALA A 249 32.87 -13.34 8.82
CA ALA A 249 32.36 -12.79 7.57
C ALA A 249 32.53 -13.81 6.45
N PRO A 250 31.73 -14.88 6.46
CA PRO A 250 31.82 -15.87 5.39
C PRO A 250 31.31 -15.31 4.09
N PRO A 251 31.82 -15.78 2.94
CA PRO A 251 31.33 -15.31 1.65
C PRO A 251 30.16 -16.10 1.09
N ILE A 252 29.75 -17.19 1.74
CA ILE A 252 28.68 -18.02 1.21
C ILE A 252 27.34 -17.30 1.30
N ILE A 253 27.11 -16.57 2.38
CA ILE A 253 25.82 -15.92 2.61
C ILE A 253 25.80 -14.54 1.96
N LYS A 254 26.81 -14.24 1.14
CA LYS A 254 26.92 -12.91 0.54
C LYS A 254 25.82 -12.67 -0.48
N GLN A 255 25.40 -13.69 -1.23
CA GLN A 255 24.45 -13.48 -2.31
C GLN A 255 23.10 -12.97 -1.80
N SER A 256 22.60 -13.54 -0.71
CA SER A 256 21.30 -13.17 -0.17
C SER A 256 21.37 -13.13 1.35
N THR A 257 20.56 -12.25 1.95
CA THR A 257 20.56 -12.10 3.39
C THR A 257 19.54 -13.04 4.03
N ILE A 258 19.75 -13.29 5.31
CA ILE A 258 19.00 -14.31 6.06
C ILE A 258 17.80 -13.64 6.71
N VAL A 259 16.63 -14.27 6.59
CA VAL A 259 15.38 -13.64 7.00
C VAL A 259 14.60 -14.49 7.98
N CYS A 260 14.99 -15.75 8.15
CA CYS A 260 14.22 -16.67 8.98
C CYS A 260 15.13 -17.70 9.60
N HIS A 261 14.67 -18.28 10.71
CA HIS A 261 15.49 -19.21 11.50
C HIS A 261 14.58 -20.04 12.39
N ASN A 262 15.16 -21.08 12.99
CA ASN A 262 14.54 -21.82 14.08
C ASN A 262 15.59 -22.73 14.70
N ARG A 263 15.60 -22.78 16.03
CA ARG A 263 16.56 -23.59 16.76
C ARG A 263 16.31 -25.08 16.52
N VAL A 264 17.36 -25.87 16.66
CA VAL A 264 17.28 -27.31 16.44
C VAL A 264 17.67 -28.14 17.66
N ASP A 265 18.38 -27.57 18.63
CA ASP A 265 18.83 -28.32 19.79
C ASP A 265 18.39 -27.63 21.07
N PRO A 266 18.19 -28.39 22.15
CA PRO A 266 17.86 -27.76 23.43
C PRO A 266 18.91 -26.77 23.92
N ASN A 267 20.18 -27.05 23.67
CA ASN A 267 21.27 -26.16 24.05
C ASN A 267 21.70 -25.23 22.93
N GLY A 268 21.06 -25.29 21.77
CA GLY A 268 21.38 -24.40 20.67
C GLY A 268 22.77 -24.56 20.12
N SER A 269 23.30 -25.78 20.08
CA SER A 269 24.62 -25.99 19.51
C SER A 269 24.63 -25.79 18.00
N ARG A 270 23.49 -26.03 17.35
CA ARG A 270 23.35 -25.86 15.91
C ARG A 270 22.10 -25.04 15.63
N TYR A 271 22.05 -24.46 14.43
CA TYR A 271 20.94 -23.58 14.06
C TYR A 271 20.59 -23.77 12.60
N LEU A 272 19.44 -23.23 12.21
CA LEU A 272 18.97 -23.24 10.83
C LEU A 272 18.73 -21.81 10.38
N LEU A 273 19.13 -21.51 9.15
CA LEU A 273 19.02 -20.18 8.57
C LEU A 273 18.48 -20.26 7.16
N GLY A 274 17.49 -19.44 6.85
CA GLY A 274 16.87 -19.42 5.53
C GLY A 274 16.97 -18.05 4.89
N ASP A 275 16.99 -18.03 3.56
CA ASP A 275 17.06 -16.80 2.79
C ASP A 275 16.07 -16.86 1.63
N MET A 276 15.89 -15.71 0.97
CA MET A 276 14.88 -15.62 -0.08
C MET A 276 15.25 -16.45 -1.30
N GLU A 277 16.54 -16.55 -1.62
CA GLU A 277 16.95 -17.29 -2.80
C GLU A 277 16.57 -18.76 -2.72
N GLY A 278 16.41 -19.30 -1.51
CA GLY A 278 15.91 -20.64 -1.35
C GLY A 278 16.97 -21.69 -1.10
N ARG A 279 17.90 -21.40 -0.19
CA ARG A 279 18.91 -22.37 0.23
C ARG A 279 18.94 -22.45 1.74
N LEU A 280 19.18 -23.65 2.25
CA LEU A 280 19.11 -23.95 3.68
C LEU A 280 20.52 -23.93 4.25
N PHE A 281 20.85 -22.88 4.99
CA PHE A 281 22.13 -22.79 5.67
C PHE A 281 22.09 -23.59 6.97
N MET A 282 23.27 -23.74 7.59
CA MET A 282 23.39 -24.59 8.77
C MET A 282 24.48 -23.98 9.66
N LEU A 283 24.06 -23.12 10.58
CA LEU A 283 25.00 -22.49 11.50
C LEU A 283 25.39 -23.46 12.61
N LEU A 284 26.65 -23.39 13.04
CA LEU A 284 27.18 -24.24 14.08
C LEU A 284 27.83 -23.40 15.17
N LEU A 285 27.67 -23.84 16.42
CA LEU A 285 28.29 -23.21 17.57
C LEU A 285 29.25 -24.21 18.22
N GLU A 286 30.48 -23.78 18.46
CA GLU A 286 31.50 -24.64 19.05
C GLU A 286 31.51 -24.44 20.56
N LYS A 287 31.20 -25.50 21.30
CA LYS A 287 31.11 -25.45 22.76
C LYS A 287 32.24 -26.22 23.43
N GLU A 288 33.33 -26.48 22.72
CA GLU A 288 34.43 -27.26 23.30
C GLU A 288 35.13 -26.52 24.43
N GLU A 289 34.96 -25.21 24.54
CA GLU A 289 35.61 -24.45 25.60
C GLU A 289 34.89 -24.69 26.93
N GLN A 290 35.67 -24.99 27.97
CA GLN A 290 35.12 -25.18 29.31
C GLN A 290 36.24 -24.84 30.30
N MET A 291 36.19 -23.62 30.84
CA MET A 291 37.25 -23.17 31.74
C MET A 291 37.01 -23.65 33.18
N ASP A 292 35.90 -23.21 33.78
CA ASP A 292 35.58 -23.55 35.17
C ASP A 292 34.12 -23.91 35.29
N GLY A 293 33.63 -24.72 34.36
CA GLY A 293 32.24 -25.15 34.33
C GLY A 293 31.36 -24.36 33.37
N THR A 294 31.80 -23.18 32.94
CA THR A 294 31.06 -22.38 31.99
C THR A 294 31.42 -22.78 30.56
N VAL A 295 30.50 -22.51 29.64
CA VAL A 295 30.66 -22.83 28.23
C VAL A 295 30.61 -21.53 27.44
N THR A 296 31.59 -21.34 26.55
CA THR A 296 31.66 -20.15 25.71
C THR A 296 31.99 -20.55 24.29
N LEU A 297 31.63 -19.69 23.35
CA LEU A 297 31.83 -19.98 21.94
C LEU A 297 33.30 -19.87 21.56
N LYS A 298 33.67 -20.57 20.48
CA LYS A 298 35.02 -20.48 19.95
C LYS A 298 35.01 -20.21 18.45
N ASP A 299 34.00 -20.73 17.75
CA ASP A 299 33.92 -20.60 16.30
C ASP A 299 32.48 -20.30 15.90
N LEU A 300 32.34 -19.60 14.77
CA LEU A 300 31.05 -19.26 14.17
C LEU A 300 31.01 -19.69 12.71
N ARG A 301 31.49 -20.90 12.44
CA ARG A 301 31.55 -21.38 11.06
C ARG A 301 30.16 -21.60 10.50
N VAL A 302 30.00 -21.33 9.21
CA VAL A 302 28.74 -21.48 8.50
C VAL A 302 28.92 -22.54 7.43
N GLU A 303 28.07 -23.56 7.45
CA GLU A 303 28.13 -24.66 6.50
C GLU A 303 26.82 -24.74 5.73
N LEU A 304 26.92 -24.78 4.40
CA LEU A 304 25.74 -24.87 3.55
C LEU A 304 25.26 -26.31 3.46
N LEU A 305 23.94 -26.49 3.39
CA LEU A 305 23.34 -27.82 3.29
C LEU A 305 22.81 -28.11 1.89
N GLY A 306 22.03 -27.21 1.32
CA GLY A 306 21.49 -27.44 -0.01
C GLY A 306 20.45 -26.39 -0.37
N GLU A 307 19.67 -26.71 -1.40
CA GLU A 307 18.65 -25.82 -1.91
C GLU A 307 17.27 -26.45 -1.73
N THR A 308 16.35 -25.70 -1.12
CA THR A 308 14.97 -26.15 -0.92
C THR A 308 14.02 -25.09 -1.43
N SER A 309 12.73 -25.24 -1.12
CA SER A 309 11.75 -24.24 -1.51
C SER A 309 12.05 -22.91 -0.82
N ILE A 310 11.48 -21.84 -1.36
CA ILE A 310 11.75 -20.51 -0.83
C ILE A 310 11.22 -20.42 0.58
N ALA A 311 12.10 -20.12 1.53
CA ALA A 311 11.78 -20.21 2.95
C ALA A 311 10.90 -19.05 3.39
N GLU A 312 9.95 -19.35 4.26
CA GLU A 312 9.14 -18.36 4.96
C GLU A 312 9.15 -18.56 6.46
N CYS A 313 9.13 -19.81 6.93
CA CYS A 313 9.23 -20.13 8.35
C CYS A 313 9.65 -21.58 8.48
N LEU A 314 10.80 -21.83 9.09
CA LEU A 314 11.33 -23.17 9.22
C LEU A 314 10.98 -23.77 10.57
N THR A 315 11.24 -25.07 10.70
CA THR A 315 11.03 -25.81 11.93
C THR A 315 11.77 -27.14 11.82
N TYR A 316 12.41 -27.55 12.91
CA TYR A 316 13.16 -28.80 12.98
C TYR A 316 12.35 -29.79 13.80
N LEU A 317 11.75 -30.76 13.11
CA LEU A 317 11.02 -31.84 13.78
C LEU A 317 12.02 -32.90 14.23
N ASP A 318 11.51 -34.06 14.67
CA ASP A 318 12.37 -35.12 15.16
C ASP A 318 13.02 -35.89 14.02
N ASN A 319 14.11 -36.59 14.35
CA ASN A 319 14.81 -37.48 13.42
C ASN A 319 15.28 -36.75 12.16
N GLY A 320 15.69 -35.49 12.33
CA GLY A 320 16.27 -34.74 11.23
C GLY A 320 15.33 -34.50 10.06
N VAL A 321 14.08 -34.14 10.34
CA VAL A 321 13.11 -33.78 9.32
C VAL A 321 12.74 -32.33 9.50
N VAL A 322 13.03 -31.50 8.49
CA VAL A 322 12.85 -30.06 8.58
C VAL A 322 11.65 -29.67 7.73
N PHE A 323 10.69 -28.99 8.34
CA PHE A 323 9.49 -28.52 7.64
C PHE A 323 9.82 -27.14 7.06
N VAL A 324 10.11 -27.11 5.76
CA VAL A 324 10.46 -25.85 5.09
C VAL A 324 9.15 -25.23 4.63
N GLY A 325 8.52 -24.49 5.53
CA GLY A 325 7.25 -23.85 5.23
C GLY A 325 7.39 -22.68 4.27
N SER A 326 6.84 -22.83 3.07
CA SER A 326 6.91 -21.78 2.06
C SER A 326 5.66 -20.90 2.13
N ARG A 327 5.76 -19.75 1.47
CA ARG A 327 4.63 -18.82 1.36
C ARG A 327 4.28 -18.49 -0.08
N LEU A 328 5.28 -18.33 -0.94
CA LEU A 328 5.04 -18.01 -2.35
C LEU A 328 5.38 -19.18 -3.27
N GLY A 329 5.55 -20.37 -2.72
CA GLY A 329 5.84 -21.55 -3.52
C GLY A 329 5.05 -22.76 -3.08
N ASP A 330 5.73 -23.86 -2.83
CA ASP A 330 5.11 -25.09 -2.35
C ASP A 330 5.79 -25.54 -1.06
N SER A 331 5.00 -25.85 -0.05
CA SER A 331 5.56 -26.35 1.20
C SER A 331 6.20 -27.72 0.97
N GLN A 332 7.20 -28.03 1.79
CA GLN A 332 7.96 -29.25 1.64
C GLN A 332 8.20 -29.88 3.01
N LEU A 333 8.82 -31.06 3.01
CA LEU A 333 9.28 -31.74 4.21
C LEU A 333 10.60 -32.41 3.83
N VAL A 334 11.70 -31.71 4.05
CA VAL A 334 13.00 -32.19 3.63
C VAL A 334 13.65 -32.96 4.77
N LYS A 335 14.62 -33.80 4.42
CA LYS A 335 15.35 -34.62 5.37
C LYS A 335 16.81 -34.22 5.37
N LEU A 336 17.38 -34.02 6.56
CA LEU A 336 18.76 -33.58 6.69
C LEU A 336 19.67 -34.79 6.92
N ASN A 337 19.86 -35.54 5.84
CA ASN A 337 20.77 -36.68 5.85
C ASN A 337 22.19 -36.23 5.52
N VAL A 338 23.11 -36.46 6.46
CA VAL A 338 24.49 -35.99 6.33
C VAL A 338 25.35 -37.09 5.71
N ASP A 339 24.71 -38.18 5.27
CA ASP A 339 25.44 -39.32 4.74
C ASP A 339 25.12 -39.65 3.29
N SER A 340 24.09 -39.04 2.69
CA SER A 340 23.76 -39.35 1.31
C SER A 340 24.68 -38.62 0.34
N ASN A 341 24.60 -37.29 0.33
CA ASN A 341 25.48 -36.43 -0.48
C ASN A 341 25.56 -36.92 -1.93
N GLU A 342 24.42 -36.90 -2.61
CA GLU A 342 24.36 -37.42 -3.97
C GLU A 342 25.26 -36.62 -4.91
N GLN A 343 25.25 -35.29 -4.80
CA GLN A 343 26.12 -34.45 -5.60
C GLN A 343 26.67 -33.25 -4.82
N GLY A 344 26.45 -33.20 -3.51
CA GLY A 344 26.86 -32.05 -2.72
C GLY A 344 25.69 -31.36 -2.06
N SER A 345 24.52 -31.99 -2.12
CA SER A 345 23.29 -31.45 -1.53
C SER A 345 22.86 -32.36 -0.39
N TYR A 346 22.53 -31.76 0.75
CA TYR A 346 22.15 -32.49 1.94
C TYR A 346 20.65 -32.67 2.10
N VAL A 347 19.85 -32.19 1.15
CA VAL A 347 18.39 -32.17 1.29
C VAL A 347 17.78 -33.01 0.18
N VAL A 348 16.81 -33.85 0.53
CA VAL A 348 16.03 -34.62 -0.41
C VAL A 348 14.55 -34.44 -0.08
N ALA A 349 13.73 -34.24 -1.12
CA ALA A 349 12.31 -33.99 -0.91
C ALA A 349 11.59 -35.28 -0.50
N MET A 350 10.65 -35.13 0.42
CA MET A 350 9.83 -36.26 0.89
C MET A 350 8.35 -36.06 0.58
N GLU A 351 7.78 -34.92 0.98
CA GLU A 351 6.37 -34.62 0.75
C GLU A 351 6.26 -33.27 0.07
N THR A 352 5.02 -32.91 -0.30
CA THR A 352 4.77 -31.62 -0.94
C THR A 352 3.31 -31.26 -0.72
N PHE A 353 3.05 -30.28 0.13
CA PHE A 353 1.70 -29.78 0.36
C PHE A 353 1.37 -28.70 -0.68
N THR A 354 0.18 -28.80 -1.27
CA THR A 354 -0.22 -27.84 -2.29
C THR A 354 -0.41 -26.46 -1.68
N ASN A 355 0.04 -25.44 -2.41
CA ASN A 355 -0.07 -24.04 -1.96
C ASN A 355 -0.47 -23.21 -3.17
N LEU A 356 -1.75 -22.85 -3.25
CA LEU A 356 -2.27 -22.19 -4.44
C LEU A 356 -1.65 -20.80 -4.63
N GLY A 357 -1.54 -20.03 -3.57
CA GLY A 357 -1.07 -18.67 -3.66
C GLY A 357 0.42 -18.60 -3.96
N PRO A 358 0.89 -17.42 -4.38
CA PRO A 358 0.06 -16.22 -4.64
C PRO A 358 -0.52 -16.17 -6.05
N ILE A 359 -1.85 -16.25 -6.15
CA ILE A 359 -2.48 -16.17 -7.46
C ILE A 359 -2.29 -14.77 -8.03
N VAL A 360 -1.88 -14.70 -9.29
CA VAL A 360 -1.60 -13.44 -9.96
C VAL A 360 -2.66 -13.10 -11.01
N ASP A 361 -3.15 -14.09 -11.73
CA ASP A 361 -4.23 -13.88 -12.69
C ASP A 361 -4.89 -15.23 -12.95
N MET A 362 -6.09 -15.17 -13.52
CA MET A 362 -6.97 -16.34 -13.56
C MET A 362 -7.76 -16.37 -14.86
N CYS A 363 -8.28 -17.56 -15.17
CA CYS A 363 -9.17 -17.76 -16.30
C CYS A 363 -10.01 -19.01 -16.05
N VAL A 364 -11.24 -19.00 -16.55
CA VAL A 364 -12.17 -20.11 -16.40
C VAL A 364 -12.41 -20.73 -17.77
N VAL A 365 -12.13 -22.02 -17.90
CA VAL A 365 -12.11 -22.69 -19.19
C VAL A 365 -12.74 -24.08 -19.04
N ASP A 366 -13.47 -24.51 -20.06
CA ASP A 366 -14.04 -25.86 -20.11
C ASP A 366 -13.13 -26.79 -20.92
N LEU A 367 -12.00 -27.17 -20.31
CA LEU A 367 -11.03 -28.04 -20.96
C LEU A 367 -11.59 -29.42 -21.29
N GLU A 368 -12.67 -29.85 -20.64
CA GLU A 368 -13.34 -31.08 -21.03
C GLU A 368 -14.41 -30.83 -22.08
N ARG A 369 -15.23 -31.84 -22.34
CA ARG A 369 -16.14 -31.82 -23.50
C ARG A 369 -17.40 -31.00 -23.22
N GLN A 370 -17.18 -29.72 -22.91
CA GLN A 370 -18.24 -28.78 -22.53
C GLN A 370 -19.01 -29.32 -21.32
N GLY A 371 -18.26 -29.52 -20.24
CA GLY A 371 -18.82 -30.03 -19.01
C GLY A 371 -18.80 -29.01 -17.88
N GLN A 372 -17.83 -29.17 -16.99
CA GLN A 372 -17.65 -28.31 -15.84
C GLN A 372 -16.72 -27.16 -16.23
N GLY A 373 -16.19 -26.37 -15.31
CA GLY A 373 -15.22 -25.35 -15.64
C GLY A 373 -13.99 -25.54 -14.79
N GLN A 374 -12.90 -24.88 -15.16
CA GLN A 374 -11.58 -25.26 -14.66
C GLN A 374 -10.73 -23.99 -14.52
N LEU A 375 -10.54 -23.56 -13.27
CA LEU A 375 -9.82 -22.34 -12.96
C LEU A 375 -8.32 -22.52 -13.16
N VAL A 376 -7.84 -22.23 -14.36
CA VAL A 376 -6.41 -22.34 -14.64
C VAL A 376 -5.74 -21.07 -14.09
N THR A 377 -4.94 -21.22 -13.04
CA THR A 377 -4.37 -20.07 -12.36
C THR A 377 -2.91 -19.88 -12.76
N CYS A 378 -2.27 -18.88 -12.15
CA CYS A 378 -0.84 -18.60 -12.36
C CYS A 378 -0.24 -18.43 -10.96
N SER A 379 0.16 -19.54 -10.36
CA SER A 379 0.63 -19.55 -8.98
C SER A 379 2.12 -19.26 -8.92
N GLY A 380 2.68 -19.31 -7.72
CA GLY A 380 4.12 -19.24 -7.54
C GLY A 380 4.77 -17.92 -7.88
N ALA A 381 6.05 -17.81 -7.57
CA ALA A 381 6.86 -16.65 -7.90
C ALA A 381 8.32 -17.06 -7.85
N PHE A 382 9.18 -16.23 -8.44
CA PHE A 382 10.63 -16.46 -8.48
C PHE A 382 10.88 -17.78 -9.18
N LYS A 383 11.47 -18.78 -8.54
CA LYS A 383 11.83 -20.03 -9.19
C LYS A 383 10.78 -21.11 -9.07
N GLU A 384 9.62 -20.82 -8.47
CA GLU A 384 8.60 -21.83 -8.23
C GLU A 384 7.25 -21.50 -8.86
N GLY A 385 7.20 -20.54 -9.78
CA GLY A 385 5.96 -20.29 -10.49
C GLY A 385 5.52 -21.50 -11.29
N SER A 386 4.21 -21.69 -11.37
CA SER A 386 3.66 -22.87 -12.03
C SER A 386 2.21 -22.63 -12.39
N LEU A 387 1.71 -23.46 -13.30
CA LEU A 387 0.30 -23.43 -13.68
C LEU A 387 -0.45 -24.49 -12.89
N ARG A 388 -1.56 -24.09 -12.27
CA ARG A 388 -2.40 -25.00 -11.51
C ARG A 388 -3.76 -25.11 -12.17
N ILE A 389 -4.31 -26.32 -12.16
CA ILE A 389 -5.63 -26.60 -12.70
C ILE A 389 -6.49 -27.12 -11.56
N ILE A 390 -7.58 -26.42 -11.28
CA ILE A 390 -8.43 -26.70 -10.13
C ILE A 390 -9.80 -27.12 -10.65
N ARG A 391 -10.11 -28.41 -10.52
CA ARG A 391 -11.43 -28.91 -10.85
C ARG A 391 -12.31 -28.95 -9.61
N ASN A 392 -13.60 -29.17 -9.84
CA ASN A 392 -14.56 -29.23 -8.74
C ASN A 392 -14.87 -30.64 -8.29
N GLY A 393 -14.81 -31.62 -9.18
CA GLY A 393 -15.10 -33.00 -8.83
C GLY A 393 -14.02 -33.62 -7.97
N LYS A 405 -14.24 -31.68 -2.45
CA LYS A 405 -12.79 -31.60 -2.55
C LYS A 405 -12.36 -31.16 -3.95
N LEU A 406 -11.37 -30.27 -4.01
CA LEU A 406 -10.87 -29.71 -5.26
C LEU A 406 -9.55 -30.37 -5.63
N HIS A 407 -9.50 -30.97 -6.81
CA HIS A 407 -8.29 -31.63 -7.30
C HIS A 407 -7.40 -30.64 -8.05
N ILE A 408 -6.12 -30.68 -7.75
CA ILE A 408 -5.16 -29.66 -8.19
C ILE A 408 -3.95 -30.38 -8.77
N ARG A 409 -3.71 -30.21 -10.07
CA ARG A 409 -2.53 -30.74 -10.72
C ARG A 409 -1.59 -29.60 -11.11
N THR A 410 -0.29 -29.84 -10.96
CA THR A 410 0.72 -28.79 -11.11
C THR A 410 1.50 -28.97 -12.40
N VAL A 411 1.83 -27.86 -13.04
CA VAL A 411 2.71 -27.85 -14.21
C VAL A 411 3.83 -26.85 -13.94
N PRO A 412 4.93 -27.26 -13.33
CA PRO A 412 5.98 -26.30 -12.96
C PRO A 412 6.65 -25.69 -14.17
N LEU A 413 7.06 -24.43 -14.01
CA LEU A 413 7.78 -23.71 -15.06
C LEU A 413 9.14 -23.18 -14.61
N TYR A 414 9.42 -23.15 -13.31
CA TYR A 414 10.65 -22.57 -12.77
C TYR A 414 10.80 -21.12 -13.25
N GLU A 415 9.69 -20.41 -13.32
CA GLU A 415 9.65 -19.07 -13.88
C GLU A 415 8.35 -18.41 -13.50
N SER A 416 8.42 -17.16 -13.07
CA SER A 416 7.25 -16.47 -12.55
C SER A 416 6.28 -16.10 -13.67
N PRO A 417 5.05 -16.58 -13.64
CA PRO A 417 4.06 -16.14 -14.63
C PRO A 417 3.26 -14.94 -14.16
N ARG A 418 2.94 -14.07 -15.11
CA ARG A 418 2.24 -12.82 -14.81
C ARG A 418 0.75 -12.89 -15.09
N LYS A 419 0.37 -13.17 -16.34
CA LYS A 419 -1.04 -13.22 -16.71
C LYS A 419 -1.35 -14.52 -17.45
N ILE A 420 -2.59 -14.64 -17.96
CA ILE A 420 -2.97 -15.83 -18.72
C ILE A 420 -4.25 -15.52 -19.51
N CYS A 421 -4.51 -16.33 -20.54
CA CYS A 421 -5.73 -16.26 -21.38
C CYS A 421 -5.88 -17.55 -22.18
N TYR A 422 -7.09 -17.92 -22.60
CA TYR A 422 -7.27 -19.23 -23.28
C TYR A 422 -7.92 -19.09 -24.65
N GLN A 423 -7.11 -19.14 -25.71
CA GLN A 423 -7.67 -19.10 -27.07
C GLN A 423 -8.22 -20.50 -27.34
N GLU A 424 -9.33 -20.62 -28.06
CA GLU A 424 -9.97 -21.96 -28.23
C GLU A 424 -9.74 -22.49 -29.65
N VAL A 425 -9.76 -21.61 -30.65
CA VAL A 425 -9.65 -22.05 -32.07
C VAL A 425 -8.23 -22.57 -32.33
N SER A 426 -7.38 -22.56 -31.30
CA SER A 426 -6.02 -23.14 -31.43
C SER A 426 -5.71 -23.94 -30.17
N GLN A 427 -6.71 -24.13 -29.29
CA GLN A 427 -6.62 -25.11 -28.20
C GLN A 427 -5.29 -24.97 -27.45
N CYS A 428 -4.85 -23.74 -27.24
CA CYS A 428 -3.59 -23.48 -26.57
C CYS A 428 -3.72 -22.30 -25.62
N PHE A 429 -2.94 -22.34 -24.54
CA PHE A 429 -2.92 -21.28 -23.55
C PHE A 429 -1.84 -20.25 -23.88
N GLY A 430 -2.09 -19.02 -23.47
CA GLY A 430 -1.11 -17.96 -23.60
C GLY A 430 -0.77 -17.35 -22.25
N VAL A 431 0.45 -17.56 -21.77
CA VAL A 431 0.85 -17.13 -20.45
C VAL A 431 2.14 -16.34 -20.55
N LEU A 432 2.17 -15.16 -19.96
CA LEU A 432 3.39 -14.38 -19.86
C LEU A 432 4.29 -14.91 -18.75
N SER A 433 5.54 -14.48 -18.76
CA SER A 433 6.49 -14.96 -17.76
C SER A 433 7.60 -13.94 -17.61
N SER A 434 8.35 -14.07 -16.50
CA SER A 434 9.44 -13.15 -16.19
C SER A 434 10.45 -13.89 -15.34
N ARG A 435 11.61 -14.19 -15.91
CA ARG A 435 12.67 -14.90 -15.20
C ARG A 435 13.85 -13.95 -14.94
N ILE A 436 14.59 -14.25 -13.88
CA ILE A 436 15.70 -13.42 -13.47
C ILE A 436 16.94 -13.76 -14.30
N GLU A 437 17.53 -12.74 -14.93
CA GLU A 437 18.73 -12.90 -15.72
C GLU A 437 19.83 -12.03 -15.11
N VAL A 438 20.97 -12.65 -14.81
CA VAL A 438 22.09 -11.94 -14.21
C VAL A 438 22.95 -11.33 -15.31
N GLN A 439 23.48 -10.14 -15.04
CA GLN A 439 24.29 -9.41 -16.00
C GLN A 439 25.75 -9.79 -15.83
N ASP A 440 26.27 -10.60 -16.75
CA ASP A 440 27.67 -10.96 -16.73
C ASP A 440 28.51 -9.84 -17.35
N THR A 441 29.82 -9.89 -17.06
CA THR A 441 30.73 -8.84 -17.52
C THR A 441 31.21 -9.09 -18.95
N SER A 442 30.27 -9.37 -19.85
CA SER A 442 30.60 -9.58 -21.25
C SER A 442 29.59 -8.96 -22.21
N GLY A 443 28.60 -8.22 -21.71
CA GLY A 443 27.58 -7.64 -22.56
C GLY A 443 26.43 -8.54 -22.89
N GLY A 444 26.46 -9.80 -22.46
CA GLY A 444 25.38 -10.74 -22.71
C GLY A 444 24.45 -10.89 -21.53
N THR A 445 23.65 -11.95 -21.56
CA THR A 445 22.71 -12.26 -20.50
C THR A 445 22.75 -13.76 -20.25
N THR A 446 23.50 -14.17 -19.23
CA THR A 446 23.60 -15.58 -18.86
C THR A 446 22.52 -15.93 -17.85
N ALA A 447 21.97 -17.14 -17.98
CA ALA A 447 20.86 -17.56 -17.13
C ALA A 447 21.38 -18.11 -15.81
N LEU A 448 20.46 -18.49 -14.94
CA LEU A 448 20.78 -19.08 -13.64
C LEU A 448 20.32 -20.52 -13.50
N ARG A 449 19.21 -20.90 -14.14
CA ARG A 449 18.63 -22.22 -13.98
C ARG A 449 17.85 -22.55 -15.25
N PRO A 450 17.66 -23.84 -15.54
CA PRO A 450 16.84 -24.20 -16.71
C PRO A 450 15.37 -23.88 -16.50
N SER A 451 14.88 -22.84 -17.16
CA SER A 451 13.50 -22.40 -17.02
C SER A 451 12.67 -22.88 -18.21
N ALA A 452 11.34 -22.82 -18.03
CA ALA A 452 10.44 -23.27 -19.08
C ALA A 452 10.51 -22.43 -20.34
N SER A 453 11.10 -21.23 -20.28
CA SER A 453 11.23 -20.40 -21.47
C SER A 453 12.34 -20.90 -22.38
N THR A 454 13.38 -21.51 -21.82
CA THR A 454 14.54 -21.96 -22.59
C THR A 454 14.48 -23.45 -22.93
N GLN A 455 13.41 -24.14 -22.58
CA GLN A 455 13.27 -25.57 -22.87
C GLN A 455 12.06 -25.85 -23.77
N ALA A 456 11.61 -24.85 -24.52
CA ALA A 456 10.47 -25.05 -25.41
C ALA A 456 10.90 -25.80 -26.67
N LEU A 457 9.91 -26.29 -27.42
CA LEU A 457 10.20 -27.00 -28.65
C LEU A 457 10.90 -26.10 -29.66
N SER A 458 10.40 -24.88 -29.83
CA SER A 458 11.01 -23.88 -30.69
C SER A 458 11.27 -22.62 -29.86
N SER A 459 11.75 -21.57 -30.53
CA SER A 459 12.04 -20.31 -29.86
C SER A 459 12.03 -19.19 -30.89
N SER A 460 11.91 -17.96 -30.39
CA SER A 460 11.97 -16.78 -31.24
C SER A 460 12.45 -15.60 -30.41
N VAL A 461 13.02 -14.61 -31.10
CA VAL A 461 13.49 -13.38 -30.47
C VAL A 461 12.92 -12.21 -31.27
N SER A 462 12.24 -11.30 -30.58
CA SER A 462 11.67 -10.14 -31.25
C SER A 462 12.77 -9.21 -31.75
N SER A 463 12.58 -8.69 -32.96
CA SER A 463 13.56 -7.80 -33.59
C SER A 463 12.80 -6.67 -34.28
N SER A 464 12.76 -5.51 -33.64
CA SER A 464 12.12 -4.33 -34.19
C SER A 464 13.06 -3.14 -34.07
N LYS A 465 12.97 -2.23 -35.04
CA LYS A 465 13.84 -1.06 -35.12
C LYS A 465 13.00 0.21 -35.21
N LEU A 466 11.99 0.30 -34.36
CA LEU A 466 11.14 1.48 -34.29
C LEU A 466 11.67 2.54 -33.34
N PHE A 467 12.81 2.29 -32.70
CA PHE A 467 13.38 3.24 -31.74
C PHE A 467 14.90 3.19 -31.77
N THR A 476 23.99 -3.49 -16.84
CA THR A 476 25.18 -2.66 -16.92
C THR A 476 26.29 -3.21 -16.04
N SER A 477 26.16 -3.02 -14.73
CA SER A 477 27.17 -3.49 -13.79
C SER A 477 27.16 -5.01 -13.71
N PHE A 478 28.34 -5.59 -13.54
CA PHE A 478 28.48 -7.04 -13.39
C PHE A 478 27.98 -7.45 -12.02
N GLY A 479 26.81 -8.07 -11.96
CA GLY A 479 26.22 -8.48 -10.71
C GLY A 479 24.77 -8.06 -10.57
N GLU A 480 24.38 -6.99 -11.27
CA GLU A 480 23.00 -6.55 -11.27
C GLU A 480 22.13 -7.53 -12.04
N GLU A 481 20.87 -7.62 -11.62
CA GLU A 481 19.91 -8.53 -12.25
C GLU A 481 18.98 -7.74 -13.17
N VAL A 482 18.71 -8.30 -14.34
CA VAL A 482 17.83 -7.70 -15.33
C VAL A 482 16.76 -8.73 -15.68
N GLU A 483 15.51 -8.27 -15.75
CA GLU A 483 14.38 -9.14 -16.05
C GLU A 483 14.17 -9.23 -17.56
N VAL A 484 14.06 -10.46 -18.06
CA VAL A 484 13.79 -10.72 -19.47
C VAL A 484 12.44 -11.42 -19.56
N HIS A 485 11.55 -10.89 -20.40
CA HIS A 485 10.18 -11.36 -20.47
C HIS A 485 9.98 -12.30 -21.65
N ASN A 486 8.95 -13.14 -21.52
CA ASN A 486 8.64 -14.14 -22.53
C ASN A 486 7.13 -14.31 -22.61
N LEU A 487 6.66 -14.76 -23.77
CA LEU A 487 5.26 -15.11 -23.98
C LEU A 487 5.22 -16.55 -24.43
N LEU A 488 4.72 -17.44 -23.56
CA LEU A 488 4.69 -18.86 -23.85
C LEU A 488 3.36 -19.23 -24.51
N ILE A 489 3.37 -20.39 -25.17
CA ILE A 489 2.17 -21.01 -25.72
C ILE A 489 2.14 -22.45 -25.24
N ILE A 490 1.11 -22.78 -24.46
CA ILE A 490 1.01 -24.09 -23.82
C ILE A 490 -0.25 -24.79 -24.32
N ASP A 491 -0.10 -26.02 -24.77
CA ASP A 491 -1.26 -26.81 -25.18
C ASP A 491 -2.12 -27.16 -23.98
N GLN A 492 -3.41 -27.35 -24.23
CA GLN A 492 -4.35 -27.64 -23.16
C GLN A 492 -4.40 -29.10 -22.76
N HIS A 493 -3.77 -30.00 -23.54
CA HIS A 493 -3.82 -31.42 -23.25
C HIS A 493 -2.53 -31.91 -22.59
N THR A 494 -1.39 -31.72 -23.25
CA THR A 494 -0.11 -32.17 -22.72
C THR A 494 0.48 -31.21 -21.70
N PHE A 495 0.09 -29.94 -21.74
CA PHE A 495 0.65 -28.91 -20.87
C PHE A 495 2.17 -28.85 -20.99
N GLU A 496 2.66 -28.94 -22.22
CA GLU A 496 4.06 -28.75 -22.55
C GLU A 496 4.21 -27.46 -23.33
N VAL A 497 5.33 -26.77 -23.14
CA VAL A 497 5.58 -25.53 -23.85
C VAL A 497 5.90 -25.84 -25.31
N LEU A 498 5.25 -25.10 -26.22
CA LEU A 498 5.47 -25.27 -27.66
C LEU A 498 6.33 -24.18 -28.26
N HIS A 499 6.19 -22.94 -27.80
CA HIS A 499 6.95 -21.83 -28.37
C HIS A 499 7.18 -20.80 -27.26
N ALA A 500 8.26 -20.03 -27.40
CA ALA A 500 8.64 -19.04 -26.40
C ALA A 500 9.11 -17.78 -27.12
N HIS A 501 8.21 -16.83 -27.29
CA HIS A 501 8.55 -15.54 -27.88
C HIS A 501 9.15 -14.64 -26.81
N GLN A 502 10.27 -13.98 -27.16
CA GLN A 502 10.99 -13.14 -26.23
C GLN A 502 11.02 -11.72 -26.74
N PHE A 503 10.67 -10.76 -25.88
CA PHE A 503 10.65 -9.36 -26.24
C PHE A 503 12.06 -8.78 -26.22
N LEU A 504 12.18 -7.53 -26.66
CA LEU A 504 13.46 -6.87 -26.75
C LEU A 504 14.01 -6.57 -25.35
N GLN A 505 15.21 -6.00 -25.32
CA GLN A 505 15.84 -5.65 -24.05
C GLN A 505 15.08 -4.50 -23.39
N ASN A 506 14.96 -4.58 -22.06
CA ASN A 506 14.31 -3.55 -21.25
C ASN A 506 12.87 -3.31 -21.70
N GLU A 507 12.18 -4.38 -22.08
CA GLU A 507 10.76 -4.34 -22.39
C GLU A 507 10.01 -5.16 -21.35
N TYR A 508 8.90 -4.61 -20.86
CA TYR A 508 8.16 -5.20 -19.75
C TYR A 508 6.74 -5.49 -20.23
N ALA A 509 6.28 -6.72 -20.00
CA ALA A 509 4.96 -7.15 -20.45
C ALA A 509 3.93 -6.92 -19.35
N LEU A 510 2.84 -6.24 -19.69
CA LEU A 510 1.81 -5.88 -18.72
C LEU A 510 0.45 -6.49 -19.02
N SER A 511 -0.01 -6.43 -20.27
CA SER A 511 -1.35 -6.86 -20.61
C SER A 511 -1.31 -7.98 -21.64
N LEU A 512 -2.36 -8.79 -21.63
CA LEU A 512 -2.48 -9.91 -22.57
C LEU A 512 -3.94 -10.28 -22.71
N VAL A 513 -4.46 -10.26 -23.94
CA VAL A 513 -5.86 -10.55 -24.22
C VAL A 513 -5.94 -11.40 -25.47
N SER A 514 -6.75 -12.45 -25.43
CA SER A 514 -6.98 -13.34 -26.57
C SER A 514 -8.41 -13.12 -27.05
N CYS A 515 -8.56 -12.37 -28.15
CA CYS A 515 -9.88 -12.04 -28.67
C CYS A 515 -9.77 -11.79 -30.17
N LYS A 516 -10.90 -12.00 -30.86
CA LYS A 516 -10.98 -11.72 -32.29
C LYS A 516 -11.45 -10.28 -32.50
N LEU A 517 -10.95 -9.68 -33.57
CA LEU A 517 -11.18 -8.26 -33.85
C LEU A 517 -11.82 -8.09 -35.22
N GLY A 518 -12.79 -7.16 -35.29
CA GLY A 518 -13.38 -6.79 -36.57
C GLY A 518 -14.04 -7.97 -37.27
N LYS A 519 -13.93 -7.98 -38.59
CA LYS A 519 -14.47 -9.05 -39.41
C LYS A 519 -13.46 -10.15 -39.69
N ASP A 520 -12.25 -10.04 -39.16
CA ASP A 520 -11.25 -11.07 -39.37
C ASP A 520 -11.65 -12.33 -38.62
N PRO A 521 -11.54 -13.55 -39.27
CA PRO A 521 -11.97 -14.94 -38.76
C PRO A 521 -10.96 -15.59 -37.82
N ASN A 522 -9.78 -15.02 -37.64
CA ASN A 522 -8.75 -15.72 -36.82
C ASN A 522 -8.72 -15.17 -35.40
N THR A 523 -8.03 -15.87 -34.49
CA THR A 523 -7.91 -15.39 -33.10
C THR A 523 -6.49 -14.88 -32.85
N TYR A 524 -6.34 -13.60 -32.52
CA TYR A 524 -4.99 -13.00 -32.36
C TYR A 524 -4.62 -12.82 -30.90
N PHE A 525 -3.46 -13.35 -30.49
CA PHE A 525 -2.85 -12.98 -29.21
C PHE A 525 -2.37 -11.54 -29.28
N ILE A 526 -2.79 -10.73 -28.33
CA ILE A 526 -2.38 -9.32 -28.27
C ILE A 526 -1.68 -9.09 -26.94
N VAL A 527 -0.48 -8.52 -26.99
CA VAL A 527 0.33 -8.24 -25.81
C VAL A 527 0.68 -6.76 -25.79
N GLY A 528 0.42 -6.11 -24.66
CA GLY A 528 0.81 -4.73 -24.47
C GLY A 528 2.03 -4.65 -23.57
N THR A 529 3.02 -3.88 -24.02
CA THR A 529 4.30 -3.77 -23.34
C THR A 529 4.68 -2.31 -23.17
N ALA A 530 5.46 -2.04 -22.13
CA ALA A 530 5.92 -0.69 -21.83
C ALA A 530 7.39 -0.73 -21.46
N MET A 531 8.22 -0.03 -22.22
CA MET A 531 9.64 0.02 -21.93
C MET A 531 9.90 0.76 -20.62
N VAL A 532 10.84 0.23 -19.84
CA VAL A 532 11.23 0.84 -18.57
C VAL A 532 12.73 1.06 -18.58
N TYR A 533 13.14 2.26 -18.19
CA TYR A 533 14.55 2.59 -18.08
C TYR A 533 14.87 3.08 -16.67
N PRO A 534 16.04 2.74 -16.13
CA PRO A 534 16.41 3.24 -14.80
C PRO A 534 16.51 4.75 -14.73
N GLU A 535 16.91 5.42 -15.82
CA GLU A 535 17.11 6.86 -15.79
C GLU A 535 15.79 7.61 -15.55
N GLU A 536 14.76 7.30 -16.33
CA GLU A 536 13.48 7.98 -16.21
C GLU A 536 12.57 7.23 -15.24
N ALA A 537 11.64 7.98 -14.63
CA ALA A 537 10.78 7.40 -13.62
C ALA A 537 9.65 6.60 -14.22
N GLU A 538 8.81 7.23 -15.03
CA GLU A 538 7.67 6.56 -15.62
C GLU A 538 7.91 6.28 -17.09
N PRO A 539 7.35 5.20 -17.63
CA PRO A 539 7.63 4.85 -19.03
C PRO A 539 7.20 5.94 -20.00
N LYS A 540 8.01 6.13 -21.04
CA LYS A 540 7.74 7.16 -22.04
C LYS A 540 7.10 6.60 -23.30
N GLN A 541 7.61 5.48 -23.81
CA GLN A 541 7.07 4.86 -25.01
C GLN A 541 6.82 3.38 -24.76
N GLY A 542 5.68 2.89 -25.26
CA GLY A 542 5.35 1.49 -25.15
C GLY A 542 5.13 0.86 -26.51
N ARG A 543 4.53 -0.32 -26.55
CA ARG A 543 4.31 -1.01 -27.81
C ARG A 543 3.15 -1.99 -27.66
N ILE A 544 2.31 -2.07 -28.69
CA ILE A 544 1.23 -3.03 -28.77
C ILE A 544 1.51 -3.95 -29.94
N VAL A 545 1.61 -5.25 -29.67
CA VAL A 545 1.95 -6.25 -30.67
C VAL A 545 0.80 -7.24 -30.79
N VAL A 546 0.45 -7.58 -32.02
CA VAL A 546 -0.67 -8.47 -32.31
C VAL A 546 -0.10 -9.74 -32.94
N PHE A 547 0.02 -10.80 -32.16
CA PHE A 547 0.46 -12.08 -32.66
C PHE A 547 -0.71 -12.86 -33.23
N GLN A 548 -0.39 -13.99 -33.88
CA GLN A 548 -1.42 -14.86 -34.45
C GLN A 548 -0.84 -16.27 -34.51
N TYR A 549 -1.22 -17.10 -33.55
CA TYR A 549 -0.70 -18.46 -33.48
C TYR A 549 -1.35 -19.34 -34.54
N SER A 550 -0.53 -20.05 -35.30
CA SER A 550 -1.00 -20.93 -36.36
C SER A 550 0.09 -21.89 -36.80
N ASP A 551 -0.22 -23.18 -36.85
CA ASP A 551 0.72 -24.22 -37.27
C ASP A 551 1.99 -24.23 -36.43
N GLY A 552 1.85 -23.90 -35.14
CA GLY A 552 2.99 -23.93 -34.24
C GLY A 552 4.08 -22.92 -34.56
N LYS A 553 3.71 -21.72 -34.99
CA LYS A 553 4.69 -20.68 -35.31
C LYS A 553 4.09 -19.32 -34.98
N LEU A 554 4.70 -18.62 -34.03
CA LEU A 554 4.26 -17.28 -33.67
C LEU A 554 4.79 -16.27 -34.67
N GLN A 555 3.89 -15.45 -35.22
CA GLN A 555 4.26 -14.43 -36.18
C GLN A 555 3.70 -13.08 -35.75
N THR A 556 4.50 -12.03 -35.94
CA THR A 556 4.10 -10.67 -35.57
C THR A 556 3.35 -10.07 -36.75
N VAL A 557 2.02 -10.22 -36.74
CA VAL A 557 1.22 -9.71 -37.85
C VAL A 557 1.20 -8.19 -37.85
N ALA A 558 0.99 -7.57 -36.69
CA ALA A 558 0.86 -6.13 -36.58
C ALA A 558 1.67 -5.62 -35.41
N GLU A 559 2.07 -4.34 -35.50
CA GLU A 559 2.87 -3.71 -34.45
C GLU A 559 2.55 -2.22 -34.43
N LYS A 560 2.13 -1.72 -33.28
CA LYS A 560 1.82 -0.31 -33.10
C LYS A 560 2.58 0.22 -31.89
N GLU A 561 3.12 1.43 -32.01
CA GLU A 561 3.87 2.06 -30.94
C GLU A 561 3.02 3.14 -30.28
N VAL A 562 3.07 3.19 -28.95
CA VAL A 562 2.30 4.15 -28.17
C VAL A 562 3.24 4.92 -27.26
N LYS A 563 3.02 6.22 -27.14
CA LYS A 563 3.83 7.09 -26.28
C LYS A 563 3.30 6.99 -24.86
N GLY A 564 3.62 5.89 -24.20
CA GLY A 564 3.16 5.66 -22.84
C GLY A 564 3.27 4.19 -22.49
N ALA A 565 2.49 3.80 -21.48
CA ALA A 565 2.46 2.44 -20.99
C ALA A 565 1.09 1.82 -21.26
N VAL A 566 1.09 0.56 -21.66
CA VAL A 566 -0.14 -0.20 -21.88
C VAL A 566 -0.44 -0.97 -20.60
N TYR A 567 -1.43 -0.52 -19.85
CA TYR A 567 -1.68 -1.05 -18.51
C TYR A 567 -2.65 -2.22 -18.52
N SER A 568 -3.77 -2.11 -19.23
CA SER A 568 -4.73 -3.20 -19.32
C SER A 568 -5.54 -3.02 -20.59
N MET A 569 -6.07 -4.13 -21.10
CA MET A 569 -6.74 -4.13 -22.39
C MET A 569 -7.97 -5.03 -22.32
N VAL A 570 -8.99 -4.67 -23.10
CA VAL A 570 -10.22 -5.44 -23.25
C VAL A 570 -10.68 -5.34 -24.70
N GLU A 571 -11.80 -6.00 -25.02
CA GLU A 571 -12.33 -6.02 -26.37
C GLU A 571 -13.78 -5.57 -26.38
N PHE A 572 -14.17 -4.89 -27.46
CA PHE A 572 -15.54 -4.44 -27.69
C PHE A 572 -16.01 -4.97 -29.03
N ASN A 573 -16.68 -6.13 -29.01
CA ASN A 573 -17.47 -6.68 -30.11
C ASN A 573 -16.87 -6.42 -31.48
N GLY A 574 -15.55 -6.58 -31.60
CA GLY A 574 -14.84 -6.24 -32.82
C GLY A 574 -13.97 -5.01 -32.74
N LYS A 575 -13.85 -4.40 -31.56
CA LYS A 575 -12.96 -3.26 -31.35
C LYS A 575 -12.07 -3.55 -30.15
N LEU A 576 -10.91 -2.90 -30.13
CA LEU A 576 -9.90 -3.12 -29.10
C LEU A 576 -9.74 -1.85 -28.28
N LEU A 577 -9.73 -2.01 -26.95
CA LEU A 577 -9.65 -0.87 -26.04
C LEU A 577 -8.39 -1.01 -25.17
N ALA A 578 -7.61 0.06 -25.12
CA ALA A 578 -6.38 0.09 -24.34
C ALA A 578 -6.31 1.39 -23.54
N SER A 579 -5.56 1.36 -22.44
CA SER A 579 -5.43 2.50 -21.54
C SER A 579 -3.97 2.93 -21.51
N ILE A 580 -3.61 3.84 -22.42
CA ILE A 580 -2.25 4.36 -22.49
C ILE A 580 -2.11 5.46 -21.45
N ASN A 581 -1.18 5.27 -20.51
CA ASN A 581 -0.96 6.21 -19.40
C ASN A 581 -2.27 6.57 -18.70
N SER A 582 -2.65 7.84 -18.75
CA SER A 582 -3.87 8.33 -18.15
C SER A 582 -5.00 8.48 -19.17
N THR A 583 -4.82 7.97 -20.38
CA THR A 583 -5.80 8.13 -21.46
C THR A 583 -6.34 6.76 -21.84
N VAL A 584 -7.66 6.65 -21.91
CA VAL A 584 -8.32 5.44 -22.38
C VAL A 584 -8.55 5.58 -23.88
N ARG A 585 -8.04 4.62 -24.65
CA ARG A 585 -8.06 4.69 -26.10
C ARG A 585 -8.79 3.48 -26.69
N LEU A 586 -9.45 3.71 -27.82
CA LEU A 586 -10.17 2.67 -28.54
C LEU A 586 -9.50 2.45 -29.89
N TYR A 587 -9.20 1.18 -30.19
CA TYR A 587 -8.52 0.81 -31.41
C TYR A 587 -9.44 -0.01 -32.30
N GLU A 588 -9.48 0.33 -33.58
CA GLU A 588 -10.29 -0.36 -34.57
C GLU A 588 -9.38 -1.18 -35.47
N TRP A 589 -9.74 -2.45 -35.65
CA TRP A 589 -8.96 -3.35 -36.51
C TRP A 589 -9.43 -3.19 -37.94
N THR A 590 -8.64 -2.50 -38.76
CA THR A 590 -8.99 -2.28 -40.15
C THR A 590 -8.79 -3.56 -40.96
N THR A 591 -9.07 -3.47 -42.26
CA THR A 591 -8.90 -4.61 -43.15
C THR A 591 -7.44 -4.80 -43.58
N GLU A 592 -6.56 -3.87 -43.27
CA GLU A 592 -5.14 -3.97 -43.61
C GLU A 592 -4.31 -4.57 -42.48
N LYS A 593 -4.96 -5.03 -41.40
CA LYS A 593 -4.28 -5.64 -40.25
C LYS A 593 -3.29 -4.68 -39.61
N GLU A 594 -3.73 -3.45 -39.41
CA GLU A 594 -2.94 -2.44 -38.69
C GLU A 594 -3.88 -1.68 -37.77
N LEU A 595 -3.51 -1.63 -36.48
CA LEU A 595 -4.37 -0.98 -35.49
C LEU A 595 -4.49 0.52 -35.78
N ARG A 596 -5.71 1.03 -35.60
CA ARG A 596 -6.01 2.44 -35.83
C ARG A 596 -6.73 3.00 -34.62
N THR A 597 -6.37 4.24 -34.25
CA THR A 597 -7.05 4.91 -33.14
C THR A 597 -8.37 5.52 -33.61
N GLU A 598 -9.37 5.47 -32.75
CA GLU A 598 -10.70 5.98 -33.07
C GLU A 598 -11.12 7.14 -32.18
N CYS A 599 -11.06 6.97 -30.86
CA CYS A 599 -11.50 8.00 -29.94
C CYS A 599 -10.61 7.99 -28.69
N ASN A 600 -10.55 9.13 -28.02
CA ASN A 600 -9.74 9.30 -26.83
C ASN A 600 -10.58 9.94 -25.72
N HIS A 601 -10.15 9.72 -24.48
CA HIS A 601 -10.81 10.34 -23.32
C HIS A 601 -9.72 10.58 -22.27
N TYR A 602 -9.22 11.81 -22.22
CA TYR A 602 -8.15 12.16 -21.29
C TYR A 602 -8.69 12.20 -19.87
N ASN A 603 -8.22 11.29 -19.03
CA ASN A 603 -8.64 11.20 -17.65
C ASN A 603 -7.61 11.83 -16.73
N ASN A 604 -8.08 12.29 -15.56
CA ASN A 604 -7.18 12.83 -14.55
C ASN A 604 -6.41 11.74 -13.82
N ILE A 605 -6.89 10.50 -13.86
CA ILE A 605 -6.23 9.39 -13.20
C ILE A 605 -5.57 8.52 -14.27
N MET A 606 -4.68 7.64 -13.82
CA MET A 606 -3.96 6.73 -14.69
C MET A 606 -4.68 5.39 -14.68
N ALA A 607 -5.34 5.05 -15.79
CA ALA A 607 -6.23 3.90 -15.85
C ALA A 607 -5.44 2.61 -15.75
N LEU A 608 -5.67 1.86 -14.67
CA LEU A 608 -5.02 0.57 -14.44
C LEU A 608 -5.93 -0.61 -14.75
N TYR A 609 -7.16 -0.59 -14.25
CA TYR A 609 -8.08 -1.71 -14.38
C TYR A 609 -9.17 -1.37 -15.39
N LEU A 610 -9.37 -2.26 -16.36
CA LEU A 610 -10.44 -2.12 -17.35
C LEU A 610 -11.30 -3.37 -17.30
N LYS A 611 -12.51 -3.23 -16.78
CA LYS A 611 -13.51 -4.29 -16.80
C LYS A 611 -14.77 -3.74 -17.42
N THR A 612 -15.33 -4.46 -18.40
CA THR A 612 -16.42 -3.95 -19.20
C THR A 612 -17.58 -4.93 -19.22
N LYS A 613 -18.77 -4.39 -19.45
CA LYS A 613 -19.99 -5.18 -19.59
C LYS A 613 -20.99 -4.37 -20.40
N GLY A 614 -21.34 -4.86 -21.57
CA GLY A 614 -22.19 -4.07 -22.46
C GLY A 614 -21.44 -2.84 -22.93
N ASP A 615 -22.07 -1.68 -22.78
CA ASP A 615 -21.46 -0.40 -23.14
C ASP A 615 -20.85 0.32 -21.94
N PHE A 616 -20.87 -0.29 -20.76
CA PHE A 616 -20.32 0.32 -19.57
C PHE A 616 -18.84 -0.03 -19.43
N ILE A 617 -18.03 0.97 -19.14
CA ILE A 617 -16.59 0.81 -18.96
C ILE A 617 -16.25 1.24 -17.54
N LEU A 618 -15.61 0.34 -16.78
CA LEU A 618 -15.27 0.57 -15.38
C LEU A 618 -13.78 0.89 -15.30
N VAL A 619 -13.45 2.17 -15.29
CA VAL A 619 -12.07 2.63 -15.30
C VAL A 619 -11.68 2.98 -13.87
N GLY A 620 -10.77 2.20 -13.29
CA GLY A 620 -10.24 2.46 -11.97
C GLY A 620 -8.80 2.89 -12.00
N ASP A 621 -8.21 2.95 -10.80
CA ASP A 621 -6.79 3.22 -10.65
C ASP A 621 -6.31 2.52 -9.38
N LEU A 622 -5.12 2.88 -8.91
CA LEU A 622 -4.59 2.32 -7.69
C LEU A 622 -4.95 3.14 -6.47
N MET A 623 -5.71 4.22 -6.63
CA MET A 623 -6.12 5.08 -5.52
C MET A 623 -7.63 5.17 -5.41
N ARG A 624 -8.32 4.06 -5.66
CA ARG A 624 -9.75 3.87 -5.42
C ARG A 624 -10.63 4.74 -6.32
N SER A 625 -10.04 5.60 -7.15
CA SER A 625 -10.83 6.55 -7.93
C SER A 625 -11.63 5.84 -9.02
N VAL A 626 -12.69 5.13 -8.61
CA VAL A 626 -13.53 4.44 -9.56
C VAL A 626 -14.24 5.45 -10.45
N LEU A 627 -14.13 5.25 -11.76
CA LEU A 627 -14.75 6.11 -12.75
C LEU A 627 -15.47 5.26 -13.77
N LEU A 628 -16.65 5.71 -14.19
CA LEU A 628 -17.48 4.97 -15.12
C LEU A 628 -17.58 5.69 -16.45
N LEU A 629 -17.65 4.92 -17.53
CA LEU A 629 -17.74 5.47 -18.88
C LEU A 629 -18.75 4.68 -19.69
N ALA A 630 -19.41 5.36 -20.62
CA ALA A 630 -20.36 4.74 -21.53
C ALA A 630 -20.05 5.19 -22.95
N TYR A 631 -20.01 4.22 -23.87
CA TYR A 631 -19.67 4.49 -25.26
C TYR A 631 -20.95 4.64 -26.07
N LYS A 632 -21.31 5.87 -26.37
CA LYS A 632 -22.46 6.14 -27.21
C LYS A 632 -22.10 5.85 -28.67
N PRO A 633 -22.80 4.96 -29.36
CA PRO A 633 -22.39 4.60 -30.72
C PRO A 633 -22.78 5.65 -31.75
N MET A 634 -23.86 6.40 -31.48
CA MET A 634 -24.33 7.38 -32.45
C MET A 634 -23.37 8.55 -32.60
N GLU A 635 -22.65 8.90 -31.53
CA GLU A 635 -21.74 10.05 -31.56
C GLU A 635 -20.28 9.65 -31.71
N GLY A 636 -19.89 8.48 -31.21
CA GLY A 636 -18.56 7.97 -31.42
C GLY A 636 -17.51 8.41 -30.44
N ASN A 637 -17.88 9.06 -29.33
CA ASN A 637 -16.94 9.50 -28.33
C ASN A 637 -17.43 9.10 -26.95
N PHE A 638 -16.48 8.94 -26.03
CA PHE A 638 -16.79 8.50 -24.68
C PHE A 638 -17.55 9.58 -23.91
N GLU A 639 -18.41 9.14 -23.00
CA GLU A 639 -19.13 10.03 -22.10
C GLU A 639 -18.96 9.53 -20.68
N GLU A 640 -18.86 10.46 -19.73
CA GLU A 640 -18.54 10.15 -18.35
C GLU A 640 -19.81 10.19 -17.51
N ILE A 641 -20.08 9.10 -16.80
CA ILE A 641 -21.37 8.89 -16.13
C ILE A 641 -21.26 9.08 -14.62
N ALA A 642 -20.44 8.26 -13.96
CA ALA A 642 -20.41 8.21 -12.51
C ALA A 642 -19.02 8.53 -11.98
N ARG A 643 -18.97 8.99 -10.73
CA ARG A 643 -17.74 9.39 -10.09
C ARG A 643 -17.68 8.79 -8.69
N ASP A 644 -16.45 8.53 -8.22
CA ASP A 644 -16.23 8.11 -6.85
C ASP A 644 -14.76 8.34 -6.51
N PHE A 645 -14.49 9.27 -5.61
CA PHE A 645 -13.14 9.58 -5.16
C PHE A 645 -13.04 9.36 -3.66
N ASN A 646 -12.04 8.57 -3.26
CA ASN A 646 -11.78 8.28 -1.85
C ASN A 646 -10.35 7.73 -1.75
N PRO A 647 -9.51 8.29 -0.90
CA PRO A 647 -8.12 7.80 -0.85
C PRO A 647 -7.97 6.45 -0.17
N ASN A 648 -7.79 5.40 -0.97
CA ASN A 648 -7.52 4.04 -0.52
C ASN A 648 -6.85 3.29 -1.66
N TRP A 649 -6.14 2.21 -1.29
CA TRP A 649 -5.43 1.38 -2.27
C TRP A 649 -6.36 0.30 -2.79
N MET A 650 -6.91 0.51 -3.99
CA MET A 650 -7.79 -0.47 -4.58
C MET A 650 -6.98 -1.55 -5.28
N SER A 651 -7.25 -2.81 -4.95
CA SER A 651 -6.45 -3.93 -5.44
C SER A 651 -6.98 -4.46 -6.78
N ALA A 652 -8.26 -4.83 -6.81
CA ALA A 652 -8.88 -5.33 -8.04
C ALA A 652 -10.35 -4.92 -8.03
N VAL A 653 -10.88 -4.62 -9.22
CA VAL A 653 -12.25 -4.15 -9.36
C VAL A 653 -12.95 -5.01 -10.42
N GLU A 654 -14.22 -5.30 -10.17
CA GLU A 654 -15.01 -6.15 -11.04
C GLU A 654 -16.43 -5.60 -11.13
N ILE A 655 -17.05 -5.80 -12.29
CA ILE A 655 -18.41 -5.33 -12.53
C ILE A 655 -19.36 -6.51 -12.35
N LEU A 656 -20.16 -6.47 -11.27
CA LEU A 656 -21.05 -7.59 -10.97
C LEU A 656 -22.23 -7.63 -11.94
N ASP A 657 -22.85 -6.49 -12.19
CA ASP A 657 -24.05 -6.41 -13.01
C ASP A 657 -24.05 -5.08 -13.74
N ASP A 658 -25.19 -4.73 -14.35
CA ASP A 658 -25.27 -3.47 -15.07
C ASP A 658 -25.18 -2.26 -14.14
N ASP A 659 -25.41 -2.45 -12.83
CA ASP A 659 -25.37 -1.34 -11.89
C ASP A 659 -24.26 -1.51 -10.86
N ASN A 660 -24.21 -2.62 -10.14
CA ASN A 660 -23.29 -2.79 -9.02
C ASN A 660 -21.88 -3.08 -9.50
N PHE A 661 -20.91 -2.39 -8.93
CA PHE A 661 -19.50 -2.63 -9.19
C PHE A 661 -18.81 -3.08 -7.91
N LEU A 662 -18.05 -4.16 -8.01
CA LEU A 662 -17.38 -4.77 -6.86
C LEU A 662 -15.88 -4.51 -6.93
N GLY A 663 -15.26 -4.37 -5.77
CA GLY A 663 -13.83 -4.17 -5.71
C GLY A 663 -13.30 -4.42 -4.32
N ALA A 664 -11.98 -4.50 -4.23
CA ALA A 664 -11.27 -4.65 -2.97
C ALA A 664 -10.39 -3.44 -2.73
N GLU A 665 -10.11 -3.17 -1.46
CA GLU A 665 -9.32 -1.99 -1.11
C GLU A 665 -8.49 -2.29 0.14
N ASN A 666 -8.00 -1.24 0.79
CA ASN A 666 -7.01 -1.39 1.85
C ASN A 666 -7.58 -2.18 3.03
N ALA A 667 -6.67 -2.80 3.79
CA ALA A 667 -7.00 -3.60 4.97
C ALA A 667 -7.89 -4.79 4.61
N PHE A 668 -7.64 -5.39 3.44
CA PHE A 668 -8.27 -6.64 3.03
C PHE A 668 -9.79 -6.54 3.03
N ASN A 669 -10.31 -5.40 2.60
CA ASN A 669 -11.75 -5.14 2.62
C ASN A 669 -12.35 -5.35 1.24
N LEU A 670 -13.67 -5.52 1.22
CA LEU A 670 -14.46 -5.59 0.01
C LEU A 670 -15.56 -4.53 0.06
N PHE A 671 -15.72 -3.79 -1.03
CA PHE A 671 -16.71 -2.74 -1.12
C PHE A 671 -17.52 -2.90 -2.40
N VAL A 672 -18.80 -2.55 -2.33
CA VAL A 672 -19.70 -2.60 -3.47
C VAL A 672 -20.26 -1.21 -3.69
N CYS A 673 -20.07 -0.68 -4.90
CA CYS A 673 -20.61 0.60 -5.29
C CYS A 673 -21.82 0.41 -6.20
N GLN A 674 -22.84 1.23 -6.00
CA GLN A 674 -24.06 1.17 -6.78
C GLN A 674 -24.35 2.54 -7.38
N LYS A 675 -24.74 2.56 -8.65
CA LYS A 675 -25.16 3.78 -9.31
C LYS A 675 -26.68 3.85 -9.29
N ASP A 676 -27.21 5.02 -8.91
CA ASP A 676 -28.63 5.22 -8.72
C ASP A 676 -29.21 6.01 -9.89
N SER A 677 -29.60 5.29 -10.95
CA SER A 677 -30.22 5.91 -12.11
C SER A 677 -31.60 6.47 -11.81
N ALA A 678 -32.19 6.13 -10.67
CA ALA A 678 -33.51 6.61 -10.30
C ALA A 678 -33.48 7.97 -9.61
N ALA A 679 -32.29 8.53 -9.38
CA ALA A 679 -32.19 9.83 -8.75
C ALA A 679 -32.77 10.90 -9.67
N THR A 680 -33.51 11.85 -9.08
CA THR A 680 -34.19 12.89 -9.83
C THR A 680 -33.33 14.13 -10.04
N THR A 681 -32.14 14.18 -9.46
CA THR A 681 -31.25 15.32 -9.61
C THR A 681 -29.94 14.90 -10.25
N ASP A 682 -29.38 15.78 -11.07
CA ASP A 682 -28.13 15.47 -11.75
C ASP A 682 -26.96 15.36 -10.78
N GLU A 683 -27.03 16.05 -9.63
CA GLU A 683 -25.94 16.00 -8.67
C GLU A 683 -25.81 14.62 -8.03
N GLU A 684 -26.94 13.95 -7.78
CA GLU A 684 -26.89 12.62 -7.17
C GLU A 684 -26.63 11.54 -8.21
N ARG A 685 -27.07 11.73 -9.45
CA ARG A 685 -26.83 10.73 -10.49
C ARG A 685 -25.34 10.64 -10.84
N GLN A 686 -24.62 11.75 -10.78
CA GLN A 686 -23.20 11.78 -11.11
C GLN A 686 -22.30 11.35 -9.96
N HIS A 687 -22.84 10.65 -8.96
CA HIS A 687 -22.06 10.19 -7.83
C HIS A 687 -22.42 8.75 -7.51
N LEU A 688 -21.46 8.02 -6.95
CA LEU A 688 -21.62 6.60 -6.66
C LEU A 688 -21.74 6.39 -5.15
N GLN A 689 -22.83 5.78 -4.74
CA GLN A 689 -23.03 5.46 -3.33
C GLN A 689 -22.16 4.26 -2.93
N GLU A 690 -21.85 4.20 -1.64
CA GLU A 690 -21.20 3.05 -1.04
C GLU A 690 -22.25 2.29 -0.25
N VAL A 691 -22.68 1.15 -0.75
CA VAL A 691 -23.79 0.40 -0.18
C VAL A 691 -23.30 -0.75 0.69
N GLY A 692 -22.35 -1.53 0.20
CA GLY A 692 -21.88 -2.71 0.90
C GLY A 692 -20.40 -2.62 1.22
N LEU A 693 -20.04 -2.97 2.45
CA LEU A 693 -18.66 -3.02 2.89
C LEU A 693 -18.45 -4.30 3.70
N PHE A 694 -17.31 -4.94 3.48
CA PHE A 694 -17.05 -6.26 4.07
C PHE A 694 -15.55 -6.42 4.31
N HIS A 695 -15.20 -7.07 5.41
CA HIS A 695 -13.80 -7.36 5.74
C HIS A 695 -13.56 -8.82 5.39
N LEU A 696 -13.09 -9.05 4.16
CA LEU A 696 -12.90 -10.41 3.68
C LEU A 696 -11.83 -11.13 4.47
N GLY A 697 -10.75 -10.44 4.84
CA GLY A 697 -9.62 -11.07 5.48
C GLY A 697 -8.55 -11.55 4.54
N GLU A 698 -8.66 -11.25 3.24
CA GLU A 698 -7.69 -11.65 2.24
C GLU A 698 -7.44 -10.47 1.31
N PHE A 699 -6.28 -10.50 0.66
CA PHE A 699 -5.96 -9.51 -0.36
C PHE A 699 -6.31 -10.09 -1.71
N VAL A 700 -7.19 -9.41 -2.45
CA VAL A 700 -7.75 -9.93 -3.69
C VAL A 700 -6.92 -9.40 -4.86
N ASN A 701 -6.47 -10.31 -5.73
CA ASN A 701 -5.62 -9.95 -6.86
C ASN A 701 -6.39 -9.83 -8.17
N VAL A 702 -7.30 -10.75 -8.46
CA VAL A 702 -7.97 -10.77 -9.76
C VAL A 702 -9.38 -11.32 -9.60
N PHE A 703 -10.30 -10.81 -10.40
CA PHE A 703 -11.67 -11.29 -10.49
C PHE A 703 -11.93 -11.87 -11.87
N CYS A 704 -12.81 -12.86 -11.94
CA CYS A 704 -13.17 -13.47 -13.21
C CYS A 704 -14.53 -14.14 -13.08
N HIS A 705 -15.35 -14.02 -14.13
CA HIS A 705 -16.66 -14.65 -14.14
C HIS A 705 -16.54 -16.16 -14.33
N GLY A 706 -17.57 -16.86 -13.91
CA GLY A 706 -17.61 -18.31 -14.01
C GLY A 706 -17.87 -18.98 -12.68
N SER A 707 -18.19 -20.27 -12.77
CA SER A 707 -18.53 -21.07 -11.60
C SER A 707 -17.92 -22.45 -11.72
N LEU A 708 -17.71 -23.10 -10.59
CA LEU A 708 -17.10 -24.42 -10.54
C LEU A 708 -18.11 -25.55 -10.73
N VAL A 709 -19.39 -25.27 -10.64
CA VAL A 709 -20.43 -26.30 -10.64
C VAL A 709 -21.11 -26.32 -12.00
N MET A 710 -21.59 -27.50 -12.41
CA MET A 710 -22.30 -27.65 -13.66
C MET A 710 -23.41 -26.61 -13.79
N GLN A 711 -23.42 -25.90 -14.91
CA GLN A 711 -24.37 -24.82 -15.13
C GLN A 711 -25.65 -25.32 -15.81
N ASN A 712 -26.28 -26.32 -15.20
CA ASN A 712 -27.58 -26.77 -15.69
C ASN A 712 -28.65 -25.71 -15.46
N LEU A 713 -29.70 -25.76 -16.30
CA LEU A 713 -30.79 -24.80 -16.17
C LEU A 713 -31.48 -24.94 -14.81
N GLY A 714 -31.68 -26.18 -14.36
CA GLY A 714 -32.24 -26.43 -13.05
C GLY A 714 -33.66 -25.93 -12.85
N GLU A 715 -34.49 -26.00 -13.90
CA GLU A 715 -35.89 -25.59 -13.83
C GLU A 715 -36.03 -24.18 -13.23
N THR A 716 -36.20 -24.11 -11.92
CA THR A 716 -36.31 -22.83 -11.22
C THR A 716 -34.98 -22.33 -10.68
N SER A 717 -33.89 -23.01 -10.99
CA SER A 717 -32.52 -22.60 -10.64
C SER A 717 -32.45 -22.46 -9.10
N THR A 718 -31.74 -21.47 -8.58
CA THR A 718 -31.51 -21.29 -7.16
C THR A 718 -31.72 -19.82 -6.80
N PRO A 719 -31.70 -19.45 -5.50
CA PRO A 719 -31.85 -18.04 -5.16
C PRO A 719 -30.65 -17.21 -5.59
N THR A 720 -29.48 -17.82 -5.66
CA THR A 720 -28.31 -17.14 -6.17
C THR A 720 -28.48 -16.82 -7.66
N GLN A 721 -27.91 -15.70 -8.08
CA GLN A 721 -27.93 -15.30 -9.47
C GLN A 721 -26.63 -14.59 -9.79
N GLY A 722 -26.01 -14.96 -10.91
CA GLY A 722 -24.69 -14.48 -11.24
C GLY A 722 -23.60 -15.25 -10.52
N SER A 723 -22.36 -14.98 -10.93
CA SER A 723 -21.22 -15.69 -10.37
C SER A 723 -19.92 -14.95 -10.65
N VAL A 724 -19.15 -14.65 -9.60
CA VAL A 724 -17.86 -13.99 -9.72
C VAL A 724 -16.87 -14.67 -8.80
N LEU A 725 -15.75 -15.13 -9.34
CA LEU A 725 -14.68 -15.74 -8.58
C LEU A 725 -13.57 -14.74 -8.34
N PHE A 726 -12.84 -14.91 -7.23
CA PHE A 726 -11.70 -14.06 -6.93
C PHE A 726 -10.56 -14.90 -6.40
N GLY A 727 -9.34 -14.48 -6.73
CA GLY A 727 -8.12 -15.10 -6.23
C GLY A 727 -7.44 -14.18 -5.25
N THR A 728 -6.67 -14.76 -4.33
CA THR A 728 -6.05 -14.01 -3.24
C THR A 728 -4.58 -14.35 -3.12
N VAL A 729 -3.84 -13.47 -2.45
CA VAL A 729 -2.41 -13.68 -2.23
C VAL A 729 -2.17 -14.95 -1.44
N ASN A 730 -2.94 -15.15 -0.36
CA ASN A 730 -2.77 -16.36 0.44
C ASN A 730 -3.27 -17.60 -0.30
N GLY A 731 -4.03 -17.42 -1.38
CA GLY A 731 -4.39 -18.54 -2.23
C GLY A 731 -5.65 -19.28 -1.81
N MET A 732 -6.75 -18.55 -1.62
CA MET A 732 -8.04 -19.16 -1.37
C MET A 732 -9.02 -18.68 -2.42
N ILE A 733 -9.89 -19.60 -2.87
CA ILE A 733 -10.85 -19.32 -3.93
C ILE A 733 -12.20 -19.07 -3.29
N GLY A 734 -12.78 -17.90 -3.57
CA GLY A 734 -14.10 -17.55 -3.08
C GLY A 734 -15.08 -17.36 -4.23
N LEU A 735 -16.36 -17.36 -3.86
CA LEU A 735 -17.46 -17.29 -4.84
C LEU A 735 -18.48 -16.28 -4.33
N VAL A 736 -18.37 -15.05 -4.80
CA VAL A 736 -19.30 -13.99 -4.42
C VAL A 736 -20.43 -13.93 -5.46
N THR A 737 -21.67 -13.91 -4.97
CA THR A 737 -22.84 -13.92 -5.84
C THR A 737 -23.84 -12.86 -5.43
N SER A 738 -25.01 -12.86 -6.05
CA SER A 738 -26.11 -11.97 -5.71
C SER A 738 -27.24 -12.76 -5.07
N LEU A 739 -28.15 -12.04 -4.41
CA LEU A 739 -29.25 -12.66 -3.68
C LEU A 739 -30.55 -11.90 -3.94
N SER A 740 -31.66 -12.60 -3.74
CA SER A 740 -32.97 -11.99 -3.86
C SER A 740 -33.24 -11.09 -2.66
N GLU A 741 -34.35 -10.34 -2.76
CA GLU A 741 -34.63 -9.30 -1.76
C GLU A 741 -34.93 -9.91 -0.39
N SER A 742 -35.88 -10.86 -0.33
CA SER A 742 -36.28 -11.42 0.95
C SER A 742 -35.24 -12.38 1.51
N TRP A 743 -34.49 -13.04 0.63
CA TRP A 743 -33.46 -13.97 1.08
C TRP A 743 -32.39 -13.26 1.88
N TYR A 744 -32.04 -12.03 1.50
CA TYR A 744 -31.06 -11.28 2.28
C TYR A 744 -31.54 -11.01 3.69
N ASN A 745 -32.80 -10.60 3.85
CA ASN A 745 -33.31 -10.33 5.20
C ASN A 745 -33.40 -11.62 6.02
N LEU A 746 -33.83 -12.71 5.39
CA LEU A 746 -33.89 -13.98 6.12
C LEU A 746 -32.50 -14.43 6.55
N LEU A 747 -31.52 -14.33 5.66
CA LEU A 747 -30.16 -14.74 5.99
C LEU A 747 -29.55 -13.82 7.04
N LEU A 748 -29.86 -12.53 6.98
CA LEU A 748 -29.36 -11.61 8.00
C LEU A 748 -29.92 -11.97 9.37
N ASP A 749 -31.22 -12.28 9.44
CA ASP A 749 -31.78 -12.69 10.73
C ASP A 749 -31.17 -14.00 11.21
N MET A 750 -30.99 -14.96 10.31
CA MET A 750 -30.40 -16.23 10.69
C MET A 750 -28.97 -16.05 11.18
N GLN A 751 -28.20 -15.19 10.50
CA GLN A 751 -26.82 -14.93 10.89
C GLN A 751 -26.74 -14.21 12.23
N ASN A 752 -27.64 -13.24 12.45
CA ASN A 752 -27.67 -12.54 13.73
C ASN A 752 -28.23 -13.40 14.85
N ARG A 753 -28.87 -14.52 14.54
CA ARG A 753 -29.25 -15.49 15.56
C ARG A 753 -28.21 -16.60 15.74
N LEU A 754 -27.35 -16.84 14.76
CA LEU A 754 -26.33 -17.87 14.89
C LEU A 754 -25.24 -17.46 15.88
N ASN A 755 -25.00 -16.16 16.04
CA ASN A 755 -23.91 -15.69 16.89
C ASN A 755 -24.13 -16.00 18.37
N LYS A 756 -25.35 -16.35 18.78
CA LYS A 756 -25.64 -16.66 20.18
C LYS A 756 -25.68 -18.16 20.43
N VAL A 757 -25.24 -18.99 19.48
CA VAL A 757 -25.24 -20.43 19.66
C VAL A 757 -23.81 -20.96 19.55
N ILE A 758 -23.16 -20.70 18.41
CA ILE A 758 -21.81 -21.17 18.21
C ILE A 758 -20.85 -20.40 19.12
N LYS A 759 -19.78 -21.07 19.53
CA LYS A 759 -18.74 -20.48 20.37
C LYS A 759 -17.44 -20.51 19.60
N SER A 760 -16.96 -19.33 19.19
CA SER A 760 -15.72 -19.24 18.43
C SER A 760 -14.51 -19.35 19.36
N VAL A 761 -13.36 -19.61 18.75
CA VAL A 761 -12.11 -19.68 19.50
C VAL A 761 -11.58 -18.27 19.73
N GLY A 762 -11.27 -17.95 20.98
CA GLY A 762 -10.85 -16.62 21.35
C GLY A 762 -11.97 -15.67 21.68
N LYS A 763 -13.22 -16.05 21.45
CA LYS A 763 -14.37 -15.16 21.77
C LYS A 763 -14.36 -13.91 20.90
N ILE A 764 -13.58 -13.87 19.82
CA ILE A 764 -13.64 -12.72 18.89
C ILE A 764 -15.07 -12.66 18.34
N GLU A 765 -15.73 -11.51 18.44
CA GLU A 765 -17.15 -11.39 18.00
C GLU A 765 -17.23 -11.33 16.47
N HIS A 766 -18.23 -11.99 15.89
CA HIS A 766 -18.33 -12.08 14.41
C HIS A 766 -18.40 -10.68 13.83
N SER A 767 -19.19 -9.80 14.41
CA SER A 767 -19.30 -8.48 13.75
C SER A 767 -17.93 -7.81 13.72
N PHE A 768 -17.07 -8.05 14.72
CA PHE A 768 -15.69 -7.49 14.66
C PHE A 768 -14.96 -8.08 13.45
N TRP A 769 -14.84 -9.41 13.38
CA TRP A 769 -14.08 -10.04 12.27
C TRP A 769 -14.76 -9.72 10.95
N ARG A 770 -15.95 -9.10 10.96
CA ARG A 770 -16.43 -8.71 9.64
C ARG A 770 -16.63 -7.21 9.50
N SER A 771 -16.35 -6.43 10.55
CA SER A 771 -16.49 -4.98 10.45
C SER A 771 -15.49 -4.41 9.46
N PHE A 772 -15.93 -3.41 8.69
CA PHE A 772 -15.03 -2.72 7.78
C PHE A 772 -13.88 -2.09 8.56
N HIS A 773 -12.66 -2.33 8.11
CA HIS A 773 -11.47 -1.92 8.84
C HIS A 773 -10.62 -0.99 7.98
N THR A 774 -10.15 0.09 8.59
CA THR A 774 -9.23 1.03 7.97
C THR A 774 -8.50 1.75 9.09
N GLU A 775 -7.27 2.19 8.82
CA GLU A 775 -6.47 2.86 9.84
C GLU A 775 -7.11 4.15 10.33
N ARG A 776 -8.04 4.73 9.57
CA ARG A 776 -8.66 6.00 9.92
C ARG A 776 -10.12 5.90 10.33
N LYS A 777 -10.84 4.85 9.91
CA LYS A 777 -12.26 4.77 10.20
C LYS A 777 -12.73 3.33 10.08
N THR A 778 -13.68 2.95 10.95
CA THR A 778 -14.29 1.62 10.92
C THR A 778 -15.79 1.78 11.04
N GLU A 779 -16.53 1.11 10.16
CA GLU A 779 -17.98 1.12 10.18
C GLU A 779 -18.52 -0.30 10.06
N PRO A 780 -19.71 -0.56 10.61
CA PRO A 780 -20.24 -1.93 10.59
C PRO A 780 -20.50 -2.42 9.17
N ALA A 781 -20.35 -3.72 8.98
CA ALA A 781 -20.55 -4.32 7.66
C ALA A 781 -22.04 -4.40 7.33
N THR A 782 -22.37 -4.05 6.09
CA THR A 782 -23.74 -4.12 5.60
C THR A 782 -23.74 -4.57 4.15
N GLY A 783 -24.84 -5.18 3.74
CA GLY A 783 -24.99 -5.60 2.36
C GLY A 783 -24.25 -6.86 1.97
N PHE A 784 -23.65 -7.57 2.93
CA PHE A 784 -22.90 -8.78 2.65
C PHE A 784 -23.27 -9.86 3.65
N ILE A 785 -23.56 -11.05 3.15
CA ILE A 785 -23.89 -12.20 3.98
C ILE A 785 -22.70 -13.13 4.00
N ASP A 786 -22.19 -13.41 5.19
CA ASP A 786 -21.04 -14.31 5.31
C ASP A 786 -21.48 -15.73 5.00
N GLY A 787 -20.92 -16.29 3.93
CA GLY A 787 -21.29 -17.64 3.54
C GLY A 787 -20.73 -18.73 4.44
N ASP A 788 -19.60 -18.47 5.10
CA ASP A 788 -19.04 -19.48 5.98
C ASP A 788 -19.86 -19.66 7.25
N LEU A 789 -20.36 -18.56 7.81
CA LEU A 789 -21.18 -18.65 9.02
C LEU A 789 -22.49 -19.38 8.74
N ILE A 790 -23.13 -19.09 7.60
CA ILE A 790 -24.37 -19.76 7.25
C ILE A 790 -24.11 -21.23 6.93
N GLU A 791 -23.06 -21.51 6.15
CA GLU A 791 -22.73 -22.89 5.81
C GLU A 791 -22.33 -23.72 7.02
N SER A 792 -21.82 -23.07 8.07
CA SER A 792 -21.44 -23.78 9.28
C SER A 792 -22.64 -24.28 10.08
N PHE A 793 -23.87 -23.88 9.70
CA PHE A 793 -25.05 -24.30 10.45
C PHE A 793 -25.28 -25.79 10.34
N LEU A 794 -24.90 -26.41 9.21
CA LEU A 794 -25.15 -27.83 9.01
C LEU A 794 -24.31 -28.70 9.92
N ASP A 795 -23.23 -28.17 10.48
CA ASP A 795 -22.38 -28.94 11.39
C ASP A 795 -22.83 -28.82 12.84
N ILE A 796 -23.73 -27.88 13.15
CA ILE A 796 -24.19 -27.68 14.51
C ILE A 796 -25.10 -28.84 14.91
N SER A 797 -25.01 -29.23 16.19
CA SER A 797 -25.79 -30.36 16.68
C SER A 797 -27.29 -30.07 16.63
N ARG A 798 -28.07 -31.14 16.50
CA ARG A 798 -29.52 -30.99 16.33
C ARG A 798 -30.21 -30.26 17.48
N PRO A 799 -29.97 -30.58 18.76
CA PRO A 799 -30.68 -29.85 19.82
C PRO A 799 -30.44 -28.35 19.81
N LYS A 800 -29.24 -27.90 19.40
CA LYS A 800 -28.99 -26.48 19.31
C LYS A 800 -29.77 -25.82 18.18
N MET A 801 -30.14 -26.59 17.14
CA MET A 801 -30.92 -26.03 16.04
C MET A 801 -32.26 -25.50 16.51
N GLN A 802 -32.84 -26.10 17.55
CA GLN A 802 -34.08 -25.59 18.12
C GLN A 802 -33.90 -24.20 18.69
N GLU A 803 -32.78 -23.97 19.37
CA GLU A 803 -32.48 -22.63 19.88
C GLU A 803 -32.12 -21.67 18.75
N VAL A 804 -31.55 -22.19 17.65
CA VAL A 804 -31.16 -21.32 16.54
C VAL A 804 -32.37 -20.62 15.94
N VAL A 805 -33.46 -21.36 15.73
CA VAL A 805 -34.65 -20.84 15.07
C VAL A 805 -35.86 -21.03 15.99
N ALA A 806 -36.52 -19.93 16.34
CA ALA A 806 -37.78 -20.00 17.08
C ALA A 806 -38.88 -19.09 16.55
N ASN A 807 -38.55 -17.98 15.89
CA ASN A 807 -39.56 -17.04 15.39
C ASN A 807 -39.15 -16.47 14.03
N LEU A 808 -38.48 -17.27 13.20
CA LEU A 808 -37.77 -16.73 12.04
C LEU A 808 -38.71 -16.16 10.98
N GLN A 809 -40.00 -16.55 10.99
CA GLN A 809 -40.93 -16.14 9.94
C GLN A 809 -40.42 -16.57 8.56
N TYR A 810 -40.39 -17.90 8.38
CA TYR A 810 -39.63 -18.53 7.33
C TYR A 810 -40.08 -18.13 5.93
N ASP A 811 -41.31 -18.45 5.55
CA ASP A 811 -41.78 -18.04 4.25
C ASP A 811 -42.14 -16.57 4.23
N ASP A 812 -41.83 -15.91 3.11
CA ASP A 812 -42.30 -14.57 2.83
C ASP A 812 -43.26 -14.66 1.65
N GLY A 813 -42.80 -15.28 0.58
CA GLY A 813 -43.66 -15.69 -0.52
C GLY A 813 -44.70 -16.73 -0.15
N SER A 814 -45.98 -16.35 -0.19
CA SER A 814 -47.09 -17.31 -0.07
C SER A 814 -47.07 -18.10 1.22
N GLY A 815 -47.19 -17.42 2.35
CA GLY A 815 -47.21 -18.06 3.65
C GLY A 815 -46.07 -17.55 4.52
N MET A 816 -46.10 -17.95 5.79
CA MET A 816 -45.00 -17.60 6.67
C MET A 816 -44.40 -18.79 7.42
N LYS A 817 -45.26 -19.67 7.94
CA LYS A 817 -44.85 -20.70 8.90
C LYS A 817 -43.95 -20.12 9.99
N ARG A 818 -44.59 -19.35 10.88
CA ARG A 818 -43.88 -18.68 11.96
C ARG A 818 -42.96 -19.63 12.71
N GLU A 819 -43.45 -20.83 13.03
CA GLU A 819 -42.61 -21.83 13.69
C GLU A 819 -41.38 -22.16 12.89
N ALA A 820 -41.51 -22.28 11.56
CA ALA A 820 -40.41 -22.43 10.62
C ALA A 820 -39.68 -23.77 10.75
N THR A 821 -40.11 -24.61 11.71
CA THR A 821 -39.54 -25.93 11.91
C THR A 821 -38.02 -25.90 12.01
N ALA A 822 -37.36 -27.00 11.66
CA ALA A 822 -35.91 -27.05 11.65
C ALA A 822 -35.38 -27.60 10.33
N ASP A 823 -36.21 -28.42 9.65
CA ASP A 823 -35.76 -29.03 8.40
C ASP A 823 -35.74 -28.05 7.24
N ASP A 824 -36.61 -27.03 7.27
CA ASP A 824 -36.67 -26.07 6.18
C ASP A 824 -35.37 -25.28 6.06
N LEU A 825 -34.79 -24.90 7.20
CA LEU A 825 -33.53 -24.16 7.18
C LEU A 825 -32.40 -25.03 6.62
N ILE A 826 -32.43 -26.33 6.91
CA ILE A 826 -31.43 -27.24 6.34
C ILE A 826 -31.53 -27.24 4.82
N LYS A 827 -32.75 -27.27 4.28
CA LYS A 827 -32.92 -27.19 2.83
C LYS A 827 -32.43 -25.86 2.28
N VAL A 828 -32.67 -24.76 3.02
CA VAL A 828 -32.24 -23.45 2.57
C VAL A 828 -30.71 -23.38 2.49
N VAL A 829 -30.04 -23.84 3.54
CA VAL A 829 -28.58 -23.76 3.57
C VAL A 829 -27.96 -24.68 2.52
N GLU A 830 -28.56 -25.85 2.30
CA GLU A 830 -28.02 -26.78 1.31
C GLU A 830 -28.10 -26.22 -0.09
N GLU A 831 -29.18 -25.50 -0.41
CA GLU A 831 -29.30 -24.88 -1.72
C GLU A 831 -28.20 -23.83 -1.94
N LEU A 832 -27.83 -23.09 -0.89
CA LEU A 832 -26.74 -22.14 -1.02
C LEU A 832 -25.38 -22.85 -1.05
N THR A 833 -25.28 -24.01 -0.40
CA THR A 833 -24.03 -24.76 -0.40
C THR A 833 -23.78 -25.48 -1.71
N ARG A 834 -24.83 -25.77 -2.48
CA ARG A 834 -24.67 -26.47 -3.76
C ARG A 834 -23.93 -25.64 -4.80
N ILE A 835 -23.75 -24.33 -4.59
CA ILE A 835 -23.14 -23.49 -5.62
C ILE A 835 -21.64 -23.67 -5.72
N HIS A 836 -21.01 -24.34 -4.75
CA HIS A 836 -19.57 -24.57 -4.81
C HIS A 836 -19.23 -25.95 -4.24
N ASN B 45 25.22 31.57 -7.53
CA ASN B 45 25.25 32.84 -6.81
C ASN B 45 24.22 32.86 -5.66
N ILE B 46 24.56 33.58 -4.60
CA ILE B 46 23.70 33.71 -3.42
C ILE B 46 23.51 35.18 -3.10
N ILE B 47 24.24 36.03 -3.82
CA ILE B 47 24.19 37.50 -3.79
C ILE B 47 24.26 38.06 -2.36
N ASN B 48 24.78 37.25 -1.43
CA ASN B 48 25.07 37.66 -0.06
C ASN B 48 23.92 38.48 0.55
N PHE B 49 22.75 37.85 0.63
CA PHE B 49 21.62 38.45 1.33
C PHE B 49 20.90 37.35 2.12
N ASP B 50 20.72 37.60 3.41
CA ASP B 50 19.99 36.67 4.26
C ASP B 50 18.53 36.63 3.83
N THR B 51 18.06 35.44 3.48
CA THR B 51 16.69 35.24 2.97
C THR B 51 15.73 34.78 4.06
N SER B 52 15.96 35.19 5.30
CA SER B 52 15.04 34.93 6.39
C SER B 52 14.32 36.18 6.89
N LEU B 53 14.82 37.36 6.56
CA LEU B 53 14.17 38.63 6.88
C LEU B 53 12.96 38.93 5.99
N PRO B 54 13.00 38.65 4.69
CA PRO B 54 11.78 38.84 3.89
C PRO B 54 10.63 37.94 4.30
N THR B 55 10.91 36.81 4.98
CA THR B 55 9.84 35.96 5.47
C THR B 55 9.19 36.54 6.72
N SER B 56 9.99 37.17 7.59
CA SER B 56 9.46 37.74 8.82
C SER B 56 8.74 39.06 8.59
N HIS B 57 8.97 39.71 7.44
CA HIS B 57 8.32 40.97 7.10
C HIS B 57 8.67 42.06 8.11
N THR B 58 9.98 42.31 8.27
CA THR B 58 10.47 43.31 9.22
C THR B 58 9.83 44.68 8.98
N TYR B 59 9.63 45.04 7.72
CA TYR B 59 9.05 46.33 7.35
C TYR B 59 7.70 46.57 8.01
N LEU B 60 6.95 45.50 8.27
CA LEU B 60 5.64 45.65 8.88
C LEU B 60 5.74 46.22 10.28
N GLY B 61 6.70 45.74 11.08
CA GLY B 61 6.88 46.25 12.42
C GLY B 61 8.05 45.57 13.09
N ALA B 62 8.36 46.06 14.29
CA ALA B 62 9.47 45.53 15.08
C ALA B 62 9.01 44.93 16.40
N ASP B 63 8.26 45.67 17.20
CA ASP B 63 7.86 45.21 18.53
C ASP B 63 6.55 44.44 18.45
N MET B 64 6.63 43.27 17.81
CA MET B 64 5.46 42.41 17.64
C MET B 64 5.09 41.74 18.96
N GLU B 65 3.79 41.64 19.20
CA GLU B 65 3.26 40.89 20.35
C GLU B 65 2.99 39.47 19.88
N GLU B 66 3.95 38.57 20.13
CA GLU B 66 3.85 37.21 19.63
C GLU B 66 2.74 36.44 20.35
N PHE B 67 1.96 35.69 19.58
CA PHE B 67 0.92 34.81 20.11
C PHE B 67 1.40 33.37 19.96
N HIS B 68 1.40 32.63 21.07
CA HIS B 68 1.81 31.23 21.03
C HIS B 68 0.74 30.39 20.35
N GLY B 69 1.18 29.51 19.44
CA GLY B 69 0.27 28.65 18.73
C GLY B 69 -0.06 27.38 19.49
N ARG B 70 -1.31 27.33 19.97
CA ARG B 70 -2.03 26.04 20.18
C ARG B 70 -3.45 26.16 19.64
N THR B 71 -3.73 25.52 18.49
CA THR B 71 -5.12 25.51 17.96
C THR B 71 -5.32 24.33 17.01
N LEU B 72 -6.47 23.64 17.12
CA LEU B 72 -6.80 22.53 16.18
C LEU B 72 -8.26 22.68 15.77
N HIS B 73 -8.96 21.58 15.47
CA HIS B 73 -10.41 21.69 15.18
C HIS B 73 -11.15 20.38 15.43
N ASP B 74 -12.36 20.26 14.89
CA ASP B 74 -13.22 19.08 15.14
C ASP B 74 -12.58 17.81 14.57
N ASP B 75 -11.68 17.95 13.59
CA ASP B 75 -11.08 16.76 12.92
C ASP B 75 -12.17 15.99 12.17
N ASP B 76 -12.62 16.51 11.02
CA ASP B 76 -13.66 15.84 10.19
C ASP B 76 -15.05 16.06 10.77
N SER B 77 -15.58 17.28 10.68
CA SER B 77 -16.94 17.58 11.18
C SER B 77 -17.37 18.96 10.64
N CYS B 78 -17.69 19.89 11.54
CA CYS B 78 -18.15 21.24 11.11
C CYS B 78 -18.01 22.26 12.24
N GLN B 79 -17.86 23.55 11.89
CA GLN B 79 -17.77 24.64 12.90
C GLN B 79 -18.24 25.95 12.26
N VAL B 80 -18.01 27.08 12.93
CA VAL B 80 -18.43 28.42 12.40
C VAL B 80 -17.41 29.47 12.84
N ILE B 81 -17.10 30.42 11.94
CA ILE B 81 -15.87 31.21 11.94
C ILE B 81 -16.11 32.51 11.20
N PRO B 82 -15.66 33.65 11.74
CA PRO B 82 -15.84 34.91 11.03
C PRO B 82 -15.02 34.97 9.75
N VAL B 83 -15.51 35.77 8.80
CA VAL B 83 -14.89 35.92 7.48
C VAL B 83 -14.51 37.37 7.29
N LEU B 84 -13.23 37.61 6.97
CA LEU B 84 -12.77 38.97 6.70
C LEU B 84 -12.97 39.29 5.22
N PRO B 85 -13.69 40.35 4.88
CA PRO B 85 -13.93 40.70 3.48
C PRO B 85 -12.76 41.46 2.89
N GLN B 86 -12.94 41.90 1.63
CA GLN B 86 -11.96 42.72 0.91
C GLN B 86 -10.63 41.99 0.73
N VAL B 87 -10.66 40.68 0.68
CA VAL B 87 -9.47 39.87 0.38
C VAL B 87 -9.84 38.85 -0.69
N MET B 88 -8.99 38.72 -1.70
CA MET B 88 -9.22 37.79 -2.82
C MET B 88 -7.91 37.06 -3.10
N MET B 89 -7.69 35.94 -2.42
CA MET B 89 -6.49 35.14 -2.64
C MET B 89 -6.66 33.75 -2.01
N ILE B 90 -6.31 32.71 -2.77
CA ILE B 90 -6.38 31.34 -2.24
C ILE B 90 -5.16 31.11 -1.35
N LEU B 91 -5.41 30.72 -0.11
CA LEU B 91 -4.36 30.60 0.90
C LEU B 91 -4.08 29.10 1.12
N ILE B 92 -3.00 28.61 0.52
CA ILE B 92 -2.56 27.24 0.78
C ILE B 92 -2.09 27.14 2.22
N PRO B 93 -2.41 26.07 2.95
CA PRO B 93 -1.93 25.95 4.33
C PRO B 93 -0.41 25.95 4.38
N GLY B 94 0.13 26.59 5.43
CA GLY B 94 1.56 26.74 5.58
C GLY B 94 2.12 28.01 4.97
N GLN B 95 1.32 28.76 4.21
CA GLN B 95 1.77 30.00 3.59
C GLN B 95 1.45 31.18 4.51
N THR B 96 2.43 32.06 4.70
CA THR B 96 2.26 33.21 5.57
C THR B 96 1.52 34.33 4.85
N LEU B 97 0.71 35.06 5.60
CA LEU B 97 -0.06 36.17 5.06
C LEU B 97 -0.07 37.32 6.05
N PRO B 98 0.27 38.51 5.59
CA PRO B 98 0.17 39.73 6.38
C PRO B 98 -1.09 40.48 5.99
N LEU B 99 -1.62 41.25 6.94
CA LEU B 99 -2.90 41.94 6.74
C LEU B 99 -2.80 43.39 7.20
N GLN B 100 -3.58 44.24 6.53
CA GLN B 100 -3.68 45.65 6.88
C GLN B 100 -5.14 46.06 6.73
N LEU B 101 -5.75 46.47 7.84
CA LEU B 101 -7.18 46.74 7.88
C LEU B 101 -7.43 48.18 8.34
N PHE B 102 -8.42 48.83 7.74
CA PHE B 102 -8.68 50.25 7.95
C PHE B 102 -10.08 50.57 8.47
N HIS B 103 -11.10 49.80 8.09
CA HIS B 103 -12.45 50.16 8.50
C HIS B 103 -12.74 49.66 9.91
N PRO B 104 -13.64 50.33 10.64
CA PRO B 104 -13.88 49.96 12.04
C PRO B 104 -14.44 48.56 12.25
N GLN B 105 -15.26 48.06 11.32
CA GLN B 105 -15.94 46.79 11.56
C GLN B 105 -14.94 45.63 11.64
N GLU B 106 -13.99 45.57 10.71
CA GLU B 106 -13.07 44.45 10.72
C GLU B 106 -12.03 44.57 11.83
N VAL B 107 -11.63 45.79 12.22
CA VAL B 107 -10.72 45.91 13.36
C VAL B 107 -11.44 45.53 14.65
N SER B 108 -12.73 45.89 14.77
CA SER B 108 -13.50 45.44 15.93
C SER B 108 -13.59 43.92 15.96
N MET B 109 -13.82 43.31 14.80
CA MET B 109 -13.80 41.85 14.72
C MET B 109 -12.43 41.29 15.09
N VAL B 110 -11.36 41.99 14.73
CA VAL B 110 -10.01 41.52 15.05
C VAL B 110 -9.78 41.51 16.55
N ARG B 111 -10.16 42.60 17.24
CA ARG B 111 -10.04 42.61 18.70
C ARG B 111 -10.93 41.55 19.34
N ASN B 112 -12.15 41.38 18.82
CA ASN B 112 -13.03 40.35 19.37
C ASN B 112 -12.42 38.97 19.21
N LEU B 113 -11.81 38.70 18.04
CA LEU B 113 -11.17 37.42 17.81
C LEU B 113 -9.95 37.24 18.71
N ILE B 114 -9.19 38.31 18.94
CA ILE B 114 -8.05 38.25 19.84
C ILE B 114 -8.50 37.87 21.24
N GLN B 115 -9.58 38.48 21.71
CA GLN B 115 -10.20 38.04 22.97
C GLN B 115 -11.17 36.89 22.74
N LYS B 116 -10.71 35.89 21.99
CA LYS B 116 -11.47 34.69 21.63
C LYS B 116 -10.50 33.73 20.97
N ASP B 117 -11.04 32.65 20.40
CA ASP B 117 -10.22 31.77 19.57
C ASP B 117 -9.67 32.53 18.37
N ARG B 118 -8.41 32.29 18.05
CA ARG B 118 -7.71 33.03 16.99
C ARG B 118 -7.88 32.26 15.69
N THR B 119 -8.94 32.57 14.94
CA THR B 119 -9.16 31.95 13.65
C THR B 119 -10.19 32.75 12.87
N PHE B 120 -9.90 33.00 11.60
CA PHE B 120 -10.84 33.63 10.69
C PHE B 120 -10.76 32.94 9.34
N ALA B 121 -11.85 33.00 8.58
CA ALA B 121 -12.00 32.25 7.35
C ALA B 121 -11.70 33.13 6.15
N VAL B 122 -10.89 32.60 5.23
CA VAL B 122 -10.58 33.27 3.97
C VAL B 122 -11.12 32.38 2.86
N LEU B 123 -12.28 32.75 2.32
CA LEU B 123 -12.89 31.95 1.26
C LEU B 123 -12.09 32.07 -0.03
N ALA B 124 -11.79 30.93 -0.65
CA ALA B 124 -11.07 30.90 -1.92
C ALA B 124 -12.05 31.25 -3.03
N TYR B 125 -12.10 32.53 -3.38
CA TYR B 125 -13.05 33.00 -4.40
C TYR B 125 -12.70 32.41 -5.75
N SER B 126 -13.73 32.06 -6.52
CA SER B 126 -13.56 31.55 -7.87
C SER B 126 -13.34 32.71 -8.83
N ASN B 127 -13.41 32.43 -10.14
CA ASN B 127 -13.29 33.50 -11.12
C ASN B 127 -14.44 34.49 -11.01
N VAL B 128 -15.65 33.99 -10.76
CA VAL B 128 -16.81 34.85 -10.60
C VAL B 128 -16.80 35.46 -9.20
N GLN B 129 -16.99 36.77 -9.12
CA GLN B 129 -17.03 37.47 -7.84
C GLN B 129 -18.41 37.32 -7.21
N GLU B 130 -18.69 38.14 -6.20
CA GLU B 130 -19.98 38.18 -5.51
C GLU B 130 -20.28 36.85 -4.82
N ARG B 131 -19.41 36.49 -3.88
CA ARG B 131 -19.60 35.34 -2.99
C ARG B 131 -19.80 34.05 -3.76
N GLU B 132 -19.04 33.88 -4.84
CA GLU B 132 -19.06 32.64 -5.62
C GLU B 132 -17.90 31.75 -5.20
N ALA B 133 -17.97 31.31 -3.93
CA ALA B 133 -16.93 30.49 -3.34
C ALA B 133 -17.54 29.23 -2.74
N GLN B 134 -16.74 28.16 -2.72
CA GLN B 134 -17.20 26.89 -2.17
C GLN B 134 -16.21 26.33 -1.16
N PHE B 135 -14.93 26.66 -1.31
CA PHE B 135 -13.88 26.16 -0.45
C PHE B 135 -13.14 27.32 0.20
N GLY B 136 -12.76 27.14 1.46
CA GLY B 136 -12.00 28.13 2.18
C GLY B 136 -10.99 27.48 3.10
N THR B 137 -10.02 28.28 3.54
CA THR B 137 -8.97 27.83 4.45
C THR B 137 -8.93 28.75 5.67
N THR B 138 -8.91 28.15 6.85
CA THR B 138 -8.83 28.93 8.08
C THR B 138 -7.44 29.54 8.22
N ALA B 139 -7.38 30.65 8.96
CA ALA B 139 -6.13 31.36 9.20
C ALA B 139 -5.90 31.51 10.70
N GLU B 140 -4.64 31.38 11.10
CA GLU B 140 -4.25 31.48 12.51
C GLU B 140 -3.43 32.74 12.72
N ILE B 141 -3.64 33.38 13.87
CA ILE B 141 -2.94 34.61 14.22
C ILE B 141 -1.80 34.27 15.17
N TYR B 142 -0.59 34.64 14.79
CA TYR B 142 0.59 34.40 15.63
C TYR B 142 1.32 35.68 16.03
N ALA B 143 0.92 36.84 15.50
CA ALA B 143 1.55 38.10 15.86
C ALA B 143 0.55 39.22 15.64
N TYR B 144 0.53 40.18 16.57
CA TYR B 144 -0.38 41.31 16.49
C TYR B 144 0.32 42.54 17.03
N ARG B 145 -0.09 43.70 16.52
CA ARG B 145 0.48 44.97 16.95
C ARG B 145 -0.46 46.10 16.53
N GLU B 146 -0.63 47.08 17.41
CA GLU B 146 -1.51 48.21 17.10
C GLU B 146 -0.79 49.26 16.25
N GLU B 147 0.27 49.87 16.79
CA GLU B 147 1.01 50.93 16.12
C GLU B 147 0.07 52.04 15.65
N GLN B 148 -0.82 52.47 16.56
CA GLN B 148 -1.93 53.34 16.18
C GLN B 148 -1.43 54.62 15.52
N ASP B 149 -0.42 55.27 16.11
CA ASP B 149 0.12 56.52 15.61
C ASP B 149 -0.97 57.55 15.35
N PHE B 150 -1.21 57.88 14.08
CA PHE B 150 -2.31 58.78 13.75
C PHE B 150 -3.65 58.15 14.10
N GLY B 151 -3.90 56.95 13.59
CA GLY B 151 -5.02 56.16 14.06
C GLY B 151 -6.31 56.28 13.28
N ILE B 152 -6.64 55.25 12.50
CA ILE B 152 -8.01 55.10 11.99
C ILE B 152 -8.52 53.75 12.47
N GLU B 153 -7.93 52.67 11.97
CA GLU B 153 -7.98 51.37 12.63
C GLU B 153 -6.58 50.86 12.93
N ILE B 154 -5.74 50.75 11.91
CA ILE B 154 -4.30 50.46 12.01
C ILE B 154 -4.03 49.20 12.82
N VAL B 155 -3.85 48.07 12.13
CA VAL B 155 -3.49 46.81 12.77
C VAL B 155 -2.33 46.19 12.02
N LYS B 156 -1.34 45.71 12.77
CA LYS B 156 -0.17 45.03 12.23
C LYS B 156 -0.25 43.57 12.65
N VAL B 157 -0.86 42.75 11.79
CA VAL B 157 -1.12 41.35 12.09
C VAL B 157 -0.68 40.49 10.91
N LYS B 158 -0.02 39.38 11.21
CA LYS B 158 0.39 38.39 10.23
C LYS B 158 -0.27 37.07 10.56
N ALA B 159 -0.71 36.35 9.53
CA ALA B 159 -1.48 35.13 9.71
C ALA B 159 -0.94 34.01 8.83
N ILE B 160 -1.15 32.78 9.29
CA ILE B 160 -0.77 31.57 8.56
C ILE B 160 -1.94 30.61 8.57
N GLY B 161 -2.19 29.95 7.44
CA GLY B 161 -3.27 29.00 7.35
C GLY B 161 -2.92 27.66 7.96
N ARG B 162 -3.93 27.00 8.54
CA ARG B 162 -3.75 25.73 9.22
C ARG B 162 -4.53 24.60 8.59
N GLN B 163 -5.82 24.78 8.32
CA GLN B 163 -6.69 23.70 7.89
C GLN B 163 -7.52 24.14 6.69
N ARG B 164 -8.21 23.15 6.11
CA ARG B 164 -9.10 23.35 4.97
C ARG B 164 -10.53 23.04 5.37
N PHE B 165 -11.48 23.67 4.69
CA PHE B 165 -12.89 23.43 4.98
C PHE B 165 -13.72 23.79 3.76
N LYS B 166 -15.02 23.49 3.84
CA LYS B 166 -15.98 23.83 2.81
C LYS B 166 -17.16 24.56 3.43
N VAL B 167 -17.79 25.42 2.63
CA VAL B 167 -18.92 26.23 3.08
C VAL B 167 -20.19 25.70 2.43
N LEU B 168 -21.23 25.54 3.24
CA LEU B 168 -22.53 25.13 2.72
C LEU B 168 -23.29 26.33 2.15
N GLU B 169 -23.57 27.32 2.98
CA GLU B 169 -24.17 28.57 2.55
C GLU B 169 -23.52 29.72 3.30
N LEU B 170 -23.46 30.88 2.65
CA LEU B 170 -22.80 32.05 3.23
C LEU B 170 -23.84 32.89 3.96
N ARG B 171 -23.95 32.66 5.27
CA ARG B 171 -24.84 33.46 6.09
C ARG B 171 -24.32 34.89 6.20
N THR B 172 -25.23 35.86 6.11
CA THR B 172 -24.88 37.28 6.07
C THR B 172 -25.34 37.96 7.36
N GLN B 173 -24.44 38.72 7.97
CA GLN B 173 -24.74 39.49 9.17
C GLN B 173 -24.63 40.97 8.86
N SER B 174 -25.57 41.75 9.39
CA SER B 174 -25.60 43.20 9.13
C SER B 174 -24.46 43.95 9.81
N ASP B 175 -23.75 43.31 10.73
CA ASP B 175 -22.64 43.99 11.41
C ASP B 175 -21.54 44.36 10.43
N GLY B 176 -21.22 43.47 9.48
CA GLY B 176 -20.17 43.72 8.52
C GLY B 176 -19.24 42.53 8.37
N ILE B 177 -19.20 41.68 9.40
CA ILE B 177 -18.37 40.49 9.38
C ILE B 177 -19.27 39.27 9.22
N GLN B 178 -19.46 38.83 7.98
CA GLN B 178 -20.32 37.68 7.72
C GLN B 178 -19.71 36.40 8.28
N GLN B 179 -20.56 35.58 8.88
CA GLN B 179 -20.15 34.29 9.44
C GLN B 179 -20.81 33.17 8.65
N ALA B 180 -20.08 32.06 8.49
CA ALA B 180 -20.54 30.94 7.70
C ALA B 180 -20.38 29.65 8.48
N LYS B 181 -21.30 28.72 8.16
CA LYS B 181 -21.22 27.28 8.48
C LYS B 181 -20.01 26.70 7.76
N VAL B 182 -19.32 25.76 8.38
CA VAL B 182 -18.05 25.30 7.77
C VAL B 182 -17.83 23.83 8.12
N GLN B 183 -17.67 22.96 7.13
CA GLN B 183 -17.33 21.55 7.44
C GLN B 183 -15.81 21.39 7.29
N ILE B 184 -15.09 21.27 8.41
CA ILE B 184 -13.60 21.11 8.37
C ILE B 184 -13.28 19.91 7.48
N LEU B 185 -12.80 20.15 6.26
CA LEU B 185 -12.46 19.05 5.31
C LEU B 185 -11.42 18.13 5.96
N PRO B 186 -11.39 16.82 5.64
CA PRO B 186 -10.48 15.90 6.30
C PRO B 186 -9.05 16.01 5.79
N GLU B 187 -8.05 15.56 6.58
CA GLU B 187 -6.71 15.46 6.03
C GLU B 187 -6.35 13.98 6.03
N CYS B 188 -6.55 13.33 4.87
CA CYS B 188 -6.40 11.89 4.75
C CYS B 188 -4.94 11.53 4.56
N VAL B 189 -4.40 10.71 5.44
CA VAL B 189 -3.04 10.18 5.34
C VAL B 189 -3.14 8.69 5.01
N LEU B 190 -2.34 8.24 4.05
CA LEU B 190 -2.40 6.86 3.63
C LEU B 190 -1.20 6.08 4.15
N PRO B 191 -1.36 4.80 4.45
CA PRO B 191 -0.22 3.98 4.85
C PRO B 191 0.64 3.62 3.64
N SER B 192 1.76 2.95 3.91
CA SER B 192 2.64 2.52 2.84
C SER B 192 1.91 1.54 1.92
N THR B 193 2.12 1.72 0.61
CA THR B 193 1.39 0.94 -0.38
C THR B 193 1.76 -0.53 -0.34
N MET B 194 2.88 -0.90 0.27
CA MET B 194 3.32 -2.27 0.35
C MET B 194 2.95 -2.94 1.66
N SER B 195 2.25 -2.24 2.55
CA SER B 195 1.88 -2.79 3.84
C SER B 195 0.73 -3.78 3.78
N ALA B 196 -0.03 -3.81 2.69
CA ALA B 196 -1.15 -4.74 2.58
C ALA B 196 -0.69 -6.17 2.31
N VAL B 197 0.29 -6.34 1.44
CA VAL B 197 0.71 -7.66 0.99
C VAL B 197 2.08 -8.03 1.56
N GLN B 198 2.54 -7.34 2.59
CA GLN B 198 3.88 -7.55 3.11
C GLN B 198 4.01 -8.92 3.75
N LEU B 199 5.13 -9.58 3.48
CA LEU B 199 5.43 -10.87 4.10
C LEU B 199 5.77 -10.68 5.57
N GLU B 200 5.45 -11.70 6.37
CA GLU B 200 5.89 -11.73 7.75
C GLU B 200 7.39 -12.04 7.86
N SER B 201 8.02 -12.49 6.78
CA SER B 201 9.43 -12.86 6.82
C SER B 201 10.33 -11.64 6.69
N LEU B 202 10.25 -10.94 5.57
CA LEU B 202 11.11 -9.78 5.34
C LEU B 202 10.46 -8.48 5.80
N ASN B 203 9.88 -8.52 7.01
CA ASN B 203 9.43 -7.29 7.65
C ASN B 203 10.59 -6.46 8.14
N LYS B 204 11.70 -7.11 8.50
CA LYS B 204 12.79 -6.43 9.16
C LYS B 204 13.69 -5.68 8.19
N CYS B 205 13.78 -6.14 6.94
CA CYS B 205 14.54 -5.44 5.92
C CYS B 205 13.71 -4.33 5.29
N GLN B 206 13.14 -3.45 6.13
CA GLN B 206 12.35 -2.33 5.65
C GLN B 206 12.76 -0.99 6.23
N ILE B 207 13.80 -0.96 7.07
CA ILE B 207 14.34 0.28 7.60
C ILE B 207 15.72 0.46 6.97
N PHE B 208 15.79 1.33 5.97
CA PHE B 208 17.03 1.51 5.23
C PHE B 208 17.96 2.48 5.93
N PRO B 209 19.27 2.39 5.67
CA PRO B 209 20.19 3.41 6.18
C PRO B 209 19.92 4.76 5.52
N SER B 210 20.37 5.81 6.19
CA SER B 210 20.17 7.16 5.69
C SER B 210 20.86 7.35 4.34
N LYS B 211 20.52 8.45 3.68
CA LYS B 211 21.07 8.73 2.37
C LYS B 211 22.57 8.95 2.46
N PRO B 212 23.33 8.54 1.43
CA PRO B 212 24.79 8.70 1.47
C PRO B 212 25.17 10.16 1.18
N VAL B 213 25.84 10.78 2.15
CA VAL B 213 26.17 12.20 2.12
C VAL B 213 24.87 12.96 1.87
N SER B 214 24.85 13.79 0.83
CA SER B 214 23.64 14.51 0.42
C SER B 214 23.90 15.19 -0.92
N ARG B 215 22.91 15.15 -1.79
CA ARG B 215 22.91 15.87 -3.06
C ARG B 215 24.19 15.61 -3.85
N GLU B 216 24.39 14.35 -4.22
CA GLU B 216 25.58 13.95 -4.96
C GLU B 216 25.19 12.97 -6.06
N ASP B 217 25.95 12.99 -7.15
CA ASP B 217 25.73 12.05 -8.24
C ASP B 217 26.39 10.72 -7.92
N GLN B 218 25.80 9.64 -8.43
CA GLN B 218 26.17 8.25 -8.20
C GLN B 218 25.89 7.81 -6.78
N CYS B 219 25.43 8.70 -5.90
CA CYS B 219 24.92 8.33 -4.59
C CYS B 219 23.39 8.40 -4.54
N SER B 220 22.75 8.81 -5.63
CA SER B 220 21.30 8.82 -5.76
C SER B 220 20.82 7.84 -6.82
N TYR B 221 21.36 7.92 -8.04
CA TYR B 221 20.99 6.97 -9.08
C TYR B 221 21.36 5.54 -8.70
N LYS B 222 22.48 5.36 -8.01
CA LYS B 222 22.86 4.04 -7.53
C LYS B 222 22.04 3.63 -6.31
N TRP B 223 21.77 4.58 -5.41
CA TRP B 223 21.05 4.25 -4.18
C TRP B 223 19.56 4.07 -4.42
N TRP B 224 18.96 4.83 -5.33
CA TRP B 224 17.52 4.71 -5.56
C TRP B 224 17.17 3.38 -6.21
N GLN B 225 18.07 2.83 -7.03
CA GLN B 225 17.84 1.49 -7.58
C GLN B 225 17.75 0.46 -6.47
N LYS B 226 18.67 0.52 -5.51
CA LYS B 226 18.62 -0.42 -4.38
C LYS B 226 17.37 -0.17 -3.54
N TYR B 227 17.01 1.10 -3.33
CA TYR B 227 15.81 1.42 -2.58
C TYR B 227 14.58 0.79 -3.22
N GLN B 228 14.41 0.99 -4.53
CA GLN B 228 13.26 0.46 -5.24
C GLN B 228 13.27 -1.07 -5.27
N LYS B 229 14.46 -1.67 -5.42
CA LYS B 229 14.55 -3.12 -5.52
C LYS B 229 14.34 -3.80 -4.17
N ARG B 230 14.64 -3.13 -3.06
CA ARG B 230 14.52 -3.76 -1.75
C ARG B 230 13.22 -3.43 -1.03
N LYS B 231 12.77 -2.17 -1.06
CA LYS B 231 11.55 -1.81 -0.36
C LYS B 231 10.34 -2.47 -1.00
N PHE B 232 10.19 -2.36 -2.30
CA PHE B 232 9.07 -2.97 -3.02
C PHE B 232 9.45 -4.36 -3.55
N HIS B 233 9.98 -5.19 -2.66
CA HIS B 233 10.39 -6.53 -3.05
C HIS B 233 9.21 -7.47 -3.20
N CYS B 234 8.13 -7.24 -2.46
CA CYS B 234 6.95 -8.08 -2.50
C CYS B 234 5.95 -7.63 -3.56
N ALA B 235 6.37 -6.81 -4.52
CA ALA B 235 5.48 -6.37 -5.58
C ALA B 235 5.16 -7.48 -6.58
N ASN B 236 5.91 -8.58 -6.56
CA ASN B 236 5.66 -9.68 -7.49
C ASN B 236 4.43 -10.50 -7.12
N LEU B 237 4.02 -10.48 -5.85
CA LEU B 237 2.81 -11.20 -5.46
C LEU B 237 1.58 -10.61 -6.14
N THR B 238 1.49 -9.29 -6.18
CA THR B 238 0.42 -8.65 -6.90
C THR B 238 0.69 -8.71 -8.41
N SER B 239 -0.31 -8.34 -9.19
CA SER B 239 -0.23 -8.42 -10.64
C SER B 239 0.43 -7.19 -11.26
N TRP B 240 1.21 -6.43 -10.50
CA TRP B 240 1.78 -5.19 -11.00
C TRP B 240 3.28 -5.15 -10.75
N PRO B 241 4.03 -4.44 -11.59
CA PRO B 241 5.49 -4.36 -11.42
C PRO B 241 5.90 -3.51 -10.22
N ARG B 242 7.21 -3.32 -10.05
CA ARG B 242 7.71 -2.53 -8.93
C ARG B 242 7.65 -1.03 -9.23
N TRP B 243 7.96 -0.62 -10.46
CA TRP B 243 7.97 0.80 -10.77
C TRP B 243 6.58 1.41 -10.71
N LEU B 244 5.54 0.62 -10.97
CA LEU B 244 4.18 1.14 -10.82
C LEU B 244 3.90 1.49 -9.37
N TYR B 245 4.34 0.66 -8.43
CA TYR B 245 4.23 1.01 -7.02
C TYR B 245 5.15 2.16 -6.66
N SER B 246 6.28 2.30 -7.38
CA SER B 246 7.16 3.44 -7.16
C SER B 246 6.51 4.75 -7.56
N LEU B 247 5.63 4.71 -8.57
CA LEU B 247 4.92 5.92 -8.99
C LEU B 247 3.94 6.42 -7.93
N TYR B 248 3.52 5.55 -7.01
CA TYR B 248 2.54 5.92 -5.98
C TYR B 248 3.14 5.87 -4.58
N ASP B 249 4.42 6.15 -4.45
CA ASP B 249 5.08 6.20 -3.16
C ASP B 249 5.31 7.64 -2.72
N ALA B 250 5.65 7.81 -1.45
CA ALA B 250 5.85 9.14 -0.89
C ALA B 250 7.28 9.64 -1.03
N GLU B 251 8.26 8.80 -0.70
CA GLU B 251 9.65 9.26 -0.69
C GLU B 251 10.18 9.52 -2.10
N THR B 252 9.89 8.63 -3.04
CA THR B 252 10.39 8.80 -4.40
C THR B 252 9.84 10.07 -5.04
N LEU B 253 8.54 10.32 -4.85
CA LEU B 253 7.94 11.54 -5.40
C LEU B 253 8.59 12.79 -4.79
N MET B 254 8.80 12.79 -3.47
CA MET B 254 9.43 13.94 -2.83
C MET B 254 10.85 14.15 -3.35
N ASP B 255 11.59 13.06 -3.56
CA ASP B 255 12.94 13.18 -4.09
C ASP B 255 12.91 13.76 -5.51
N ARG B 256 11.96 13.32 -6.34
CA ARG B 256 11.86 13.87 -7.69
C ARG B 256 11.52 15.35 -7.65
N ILE B 257 10.60 15.75 -6.77
CA ILE B 257 10.24 17.15 -6.65
C ILE B 257 11.45 17.97 -6.19
N LYS B 258 12.22 17.44 -5.24
CA LYS B 258 13.41 18.12 -4.76
C LYS B 258 14.45 18.28 -5.88
N LYS B 259 14.62 17.23 -6.69
CA LYS B 259 15.57 17.32 -7.80
C LYS B 259 15.14 18.38 -8.80
N GLN B 260 13.85 18.42 -9.14
CA GLN B 260 13.36 19.44 -10.06
C GLN B 260 13.54 20.84 -9.47
N LEU B 261 13.23 20.99 -8.18
CA LEU B 261 13.35 22.30 -7.54
C LEU B 261 14.80 22.78 -7.53
N ARG B 262 15.74 21.89 -7.20
CA ARG B 262 17.14 22.27 -7.21
C ARG B 262 17.65 22.49 -8.63
N GLU B 263 17.03 21.85 -9.63
CA GLU B 263 17.33 22.20 -11.01
C GLU B 263 16.89 23.62 -11.33
N TRP B 264 15.74 24.03 -10.78
CA TRP B 264 15.29 25.41 -10.94
C TRP B 264 16.26 26.39 -10.30
N ASP B 265 16.43 26.30 -8.97
CA ASP B 265 17.20 27.27 -8.21
C ASP B 265 18.13 26.54 -7.26
N GLU B 266 19.16 27.26 -6.81
CA GLU B 266 20.15 26.73 -5.87
C GLU B 266 19.52 26.67 -4.49
N ASN B 267 18.95 25.51 -4.15
CA ASN B 267 18.34 25.28 -2.86
C ASN B 267 19.28 24.48 -1.98
N LEU B 268 19.40 24.89 -0.72
CA LEU B 268 20.35 24.25 0.21
C LEU B 268 19.66 23.05 0.87
N LYS B 269 19.44 22.02 0.05
CA LYS B 269 18.91 20.73 0.49
C LYS B 269 17.67 20.87 1.34
N ASP B 270 17.83 20.74 2.66
CA ASP B 270 16.72 20.82 3.60
C ASP B 270 16.57 22.25 4.14
N ASP B 271 16.41 23.18 3.20
CA ASP B 271 16.25 24.60 3.53
C ASP B 271 14.77 24.92 3.82
N SER B 272 14.32 24.39 4.96
CA SER B 272 12.94 24.55 5.45
C SER B 272 11.94 23.85 4.53
N LEU B 273 12.30 22.67 4.05
CA LEU B 273 11.37 21.77 3.36
C LEU B 273 11.09 20.59 4.28
N PRO B 274 9.95 20.56 4.96
CA PRO B 274 9.70 19.50 5.95
C PRO B 274 9.73 18.12 5.33
N SER B 275 10.26 17.15 6.09
CA SER B 275 10.28 15.77 5.65
C SER B 275 8.88 15.17 5.55
N ASN B 276 7.92 15.70 6.28
CA ASN B 276 6.56 15.19 6.20
C ASN B 276 5.97 15.49 4.83
N PRO B 277 5.37 14.50 4.15
CA PRO B 277 4.78 14.76 2.83
C PRO B 277 3.69 15.81 2.84
N ILE B 278 2.93 15.93 3.93
CA ILE B 278 1.82 16.89 3.98
C ILE B 278 2.35 18.31 3.85
N ASP B 279 3.23 18.71 4.78
CA ASP B 279 3.74 20.07 4.79
C ASP B 279 4.60 20.35 3.56
N PHE B 280 5.36 19.35 3.11
CA PHE B 280 6.14 19.52 1.89
C PHE B 280 5.25 19.79 0.69
N SER B 281 4.17 19.01 0.55
CA SER B 281 3.25 19.21 -0.56
C SER B 281 2.61 20.59 -0.49
N TYR B 282 2.17 21.00 0.71
CA TYR B 282 1.57 22.33 0.84
C TYR B 282 2.56 23.43 0.49
N ARG B 283 3.81 23.32 0.96
CA ARG B 283 4.79 24.37 0.69
C ARG B 283 5.11 24.45 -0.80
N VAL B 284 5.32 23.30 -1.45
CA VAL B 284 5.66 23.32 -2.88
C VAL B 284 4.46 23.82 -3.69
N ALA B 285 3.24 23.45 -3.28
CA ALA B 285 2.06 23.97 -3.97
C ALA B 285 1.95 25.48 -3.82
N ALA B 286 2.25 26.00 -2.63
CA ALA B 286 2.21 27.44 -2.42
C ALA B 286 3.24 28.17 -3.26
N CYS B 287 4.46 27.62 -3.37
CA CYS B 287 5.54 28.32 -4.07
C CYS B 287 5.55 28.06 -5.58
N LEU B 288 4.42 27.65 -6.18
CA LEU B 288 4.50 27.47 -7.63
C LEU B 288 3.77 28.59 -8.36
N PRO B 289 4.28 28.98 -9.54
CA PRO B 289 3.60 30.01 -10.36
C PRO B 289 2.52 29.41 -11.27
N ILE B 290 1.35 29.16 -10.69
CA ILE B 290 0.25 28.52 -11.40
C ILE B 290 -1.00 29.38 -11.24
N ASP B 291 -1.95 29.20 -12.15
CA ASP B 291 -3.21 29.93 -12.12
C ASP B 291 -4.01 29.58 -10.86
N ASP B 292 -5.08 30.33 -10.65
CA ASP B 292 -5.92 30.15 -9.46
C ASP B 292 -6.78 28.90 -9.55
N VAL B 293 -7.27 28.57 -10.75
CA VAL B 293 -8.11 27.39 -10.89
C VAL B 293 -7.33 26.10 -10.59
N LEU B 294 -6.10 26.02 -11.09
CA LEU B 294 -5.28 24.85 -10.76
C LEU B 294 -4.95 24.80 -9.28
N ARG B 295 -4.74 25.96 -8.66
CA ARG B 295 -4.45 25.98 -7.22
C ARG B 295 -5.65 25.50 -6.41
N ILE B 296 -6.86 25.92 -6.79
CA ILE B 296 -8.03 25.44 -6.05
C ILE B 296 -8.27 23.97 -6.34
N GLN B 297 -7.91 23.49 -7.54
CA GLN B 297 -7.98 22.06 -7.80
C GLN B 297 -7.01 21.30 -6.90
N LEU B 298 -5.80 21.82 -6.71
CA LEU B 298 -4.86 21.21 -5.78
C LEU B 298 -5.41 21.24 -4.36
N LEU B 299 -6.05 22.34 -3.98
CA LEU B 299 -6.67 22.44 -2.66
C LEU B 299 -7.79 21.43 -2.48
N LYS B 300 -8.47 21.07 -3.57
CA LYS B 300 -9.57 20.11 -3.49
C LYS B 300 -9.08 18.74 -3.05
N ILE B 301 -7.91 18.32 -3.53
CA ILE B 301 -7.40 17.00 -3.22
C ILE B 301 -7.12 16.88 -1.73
N GLY B 302 -7.57 15.77 -1.14
CA GLY B 302 -7.41 15.53 0.28
C GLY B 302 -6.33 14.56 0.68
N SER B 303 -5.65 13.94 -0.28
CA SER B 303 -4.60 12.96 0.00
C SER B 303 -3.27 13.47 -0.49
N ALA B 304 -2.21 13.20 0.28
CA ALA B 304 -0.89 13.74 -0.04
C ALA B 304 -0.36 13.19 -1.37
N ILE B 305 -0.54 11.89 -1.61
CA ILE B 305 0.07 11.27 -2.78
C ILE B 305 -0.59 11.77 -4.06
N GLN B 306 -1.93 11.88 -4.06
CA GLN B 306 -2.62 12.42 -5.23
C GLN B 306 -2.21 13.86 -5.48
N ARG B 307 -2.10 14.65 -4.42
CA ARG B 307 -1.67 16.04 -4.57
C ARG B 307 -0.26 16.12 -5.17
N LEU B 308 0.65 15.28 -4.69
CA LEU B 308 2.02 15.30 -5.19
C LEU B 308 2.06 14.90 -6.67
N ARG B 309 1.32 13.85 -7.04
CA ARG B 309 1.30 13.43 -8.44
C ARG B 309 0.72 14.52 -9.34
N CYS B 310 -0.39 15.13 -8.91
CA CYS B 310 -1.00 16.18 -9.71
C CYS B 310 -0.07 17.37 -9.85
N GLU B 311 0.61 17.76 -8.76
CA GLU B 311 1.53 18.88 -8.80
C GLU B 311 2.71 18.60 -9.72
N LEU B 312 3.26 17.38 -9.65
CA LEU B 312 4.34 17.00 -10.54
C LEU B 312 3.89 17.11 -12.00
N ASP B 313 2.69 16.61 -12.30
CA ASP B 313 2.18 16.70 -13.66
C ASP B 313 2.01 18.16 -14.09
N ILE B 314 1.49 19.00 -13.20
CA ILE B 314 1.24 20.40 -13.54
C ILE B 314 2.55 21.11 -13.86
N MET B 315 3.56 20.98 -12.98
CA MET B 315 4.77 21.74 -13.25
C MET B 315 5.65 21.08 -14.30
N ASN B 316 5.39 19.81 -14.65
CA ASN B 316 6.08 19.23 -15.79
C ASN B 316 5.45 19.70 -17.10
N LYS B 317 4.12 19.88 -17.12
CA LYS B 317 3.42 20.27 -18.32
C LYS B 317 3.25 21.78 -18.46
N CYS B 318 3.79 22.58 -17.54
CA CYS B 318 3.70 24.03 -17.58
C CYS B 318 5.08 24.61 -17.78
N THR B 319 5.27 25.38 -18.85
CA THR B 319 6.55 25.98 -19.15
C THR B 319 6.47 27.48 -19.41
N SER B 320 5.40 27.96 -20.05
CA SER B 320 5.31 29.32 -20.53
C SER B 320 4.48 30.19 -19.58
N LEU B 321 4.67 31.50 -19.71
CA LEU B 321 3.95 32.50 -18.93
C LEU B 321 3.55 33.65 -19.85
N CYS B 322 2.49 34.36 -19.47
CA CYS B 322 1.92 35.41 -20.31
C CYS B 322 1.76 36.69 -19.50
N CYS B 323 1.36 37.76 -20.19
CA CYS B 323 1.15 39.08 -19.60
C CYS B 323 -0.31 39.50 -19.74
N LYS B 324 -1.23 38.55 -19.57
CA LYS B 324 -2.67 38.82 -19.61
C LYS B 324 -3.08 39.48 -20.93
N GLN B 325 -3.17 40.81 -20.92
CA GLN B 325 -3.57 41.53 -22.13
C GLN B 325 -2.57 41.34 -23.26
N CYS B 326 -1.28 41.37 -22.94
CA CYS B 326 -0.26 41.17 -23.96
C CYS B 326 -0.30 39.75 -24.49
N GLN B 327 0.12 39.59 -25.75
CA GLN B 327 0.11 38.28 -26.39
C GLN B 327 1.11 37.34 -25.71
N GLU B 328 2.31 37.83 -25.41
CA GLU B 328 3.36 37.00 -24.81
C GLU B 328 4.33 37.91 -24.07
N THR B 329 5.29 37.29 -23.39
CA THR B 329 6.28 38.03 -22.62
C THR B 329 7.53 37.19 -22.48
N GLU B 330 8.62 37.84 -22.07
CA GLU B 330 9.90 37.18 -21.83
C GLU B 330 9.91 36.39 -20.53
N ILE B 331 8.84 36.45 -19.74
CA ILE B 331 8.74 35.77 -18.46
C ILE B 331 8.63 34.26 -18.71
N THR B 332 8.62 33.87 -20.00
CA THR B 332 8.54 32.47 -20.37
C THR B 332 9.70 31.65 -19.80
N THR B 333 10.81 32.29 -19.45
CA THR B 333 11.95 31.58 -18.90
C THR B 333 11.67 31.08 -17.49
N LYS B 334 10.79 30.09 -17.38
CA LYS B 334 10.42 29.52 -16.09
C LYS B 334 11.62 28.87 -15.40
N ASN B 335 12.57 28.35 -16.19
CA ASN B 335 13.75 27.70 -15.61
C ASN B 335 14.58 28.68 -14.79
N GLU B 336 14.74 29.91 -15.30
CA GLU B 336 15.56 30.92 -14.63
C GLU B 336 14.70 31.69 -13.62
N ILE B 337 14.37 30.99 -12.53
CA ILE B 337 13.58 31.55 -11.43
C ILE B 337 14.18 31.04 -10.13
N PHE B 338 14.80 31.92 -9.36
CA PHE B 338 15.32 31.58 -8.05
C PHE B 338 14.39 32.11 -6.96
N SER B 339 14.70 31.75 -5.72
CA SER B 339 13.88 32.06 -4.56
C SER B 339 14.72 32.88 -3.58
N LEU B 340 14.47 34.19 -3.53
CA LEU B 340 15.13 35.07 -2.57
C LEU B 340 14.35 35.15 -1.26
N SER B 341 14.00 33.98 -0.71
CA SER B 341 13.25 33.88 0.53
C SER B 341 13.28 32.44 1.00
N LEU B 342 12.99 32.24 2.28
CA LEU B 342 12.91 30.89 2.84
C LEU B 342 11.58 30.22 2.56
N CYS B 343 10.57 30.96 2.13
CA CYS B 343 9.26 30.39 1.84
C CYS B 343 9.08 29.97 0.39
N GLY B 344 10.02 30.31 -0.49
CA GLY B 344 9.93 29.93 -1.88
C GLY B 344 9.91 31.12 -2.82
N PRO B 345 9.79 30.86 -4.13
CA PRO B 345 9.76 31.96 -5.09
C PRO B 345 8.60 32.92 -4.89
N MET B 346 7.48 32.46 -4.33
CA MET B 346 6.32 33.30 -4.10
C MET B 346 6.05 33.45 -2.61
N ALA B 347 5.50 34.60 -2.24
CA ALA B 347 5.10 34.88 -0.87
C ALA B 347 4.06 35.99 -0.91
N ALA B 348 3.45 36.24 0.25
CA ALA B 348 2.42 37.25 0.38
C ALA B 348 3.04 38.52 0.97
N TYR B 349 2.85 39.64 0.26
CA TYR B 349 3.37 40.93 0.69
C TYR B 349 2.25 41.96 0.64
N VAL B 350 2.34 42.96 1.51
CA VAL B 350 1.31 43.97 1.63
C VAL B 350 1.84 45.32 1.18
N ASN B 351 0.92 46.19 0.79
CA ASN B 351 1.19 47.55 0.38
C ASN B 351 0.62 48.53 1.42
N PRO B 352 1.18 49.74 1.53
CA PRO B 352 0.72 50.66 2.57
C PRO B 352 -0.65 51.27 2.31
N HIS B 353 -1.31 50.94 1.20
CA HIS B 353 -2.57 51.56 0.84
C HIS B 353 -3.75 50.58 0.80
N GLY B 354 -3.53 49.30 1.10
CA GLY B 354 -4.65 48.38 1.05
C GLY B 354 -4.35 46.92 0.74
N TYR B 355 -5.00 46.41 -0.31
CA TYR B 355 -5.09 44.98 -0.57
C TYR B 355 -3.72 44.31 -0.64
N VAL B 356 -3.67 43.06 -0.14
CA VAL B 356 -2.45 42.27 -0.20
C VAL B 356 -2.08 42.01 -1.67
N HIS B 357 -0.78 41.90 -1.92
CA HIS B 357 -0.25 41.80 -3.27
C HIS B 357 0.65 40.58 -3.39
N GLU B 358 0.73 40.03 -4.59
CA GLU B 358 1.53 38.84 -4.87
C GLU B 358 2.81 39.21 -5.59
N THR B 359 3.81 38.35 -5.45
CA THR B 359 5.15 38.62 -6.00
C THR B 359 5.72 37.37 -6.64
N LEU B 360 6.66 37.59 -7.56
CA LEU B 360 7.41 36.51 -8.20
C LEU B 360 8.84 36.97 -8.38
N THR B 361 9.78 36.28 -7.74
CA THR B 361 11.20 36.66 -7.76
C THR B 361 11.85 35.97 -8.96
N VAL B 362 12.08 36.75 -10.02
CA VAL B 362 12.73 36.25 -11.23
C VAL B 362 14.08 36.95 -11.38
N TYR B 363 15.05 36.23 -11.95
CA TYR B 363 16.39 36.77 -12.09
C TYR B 363 16.44 37.84 -13.19
N LYS B 364 15.82 37.58 -14.33
CA LYS B 364 15.79 38.53 -15.43
C LYS B 364 14.39 38.62 -16.00
N ALA B 365 13.97 39.84 -16.35
CA ALA B 365 12.63 40.09 -16.87
C ALA B 365 12.71 41.19 -17.91
N CYS B 366 12.49 40.83 -19.17
CA CYS B 366 12.47 41.78 -20.26
C CYS B 366 11.04 42.21 -20.55
N ASN B 367 10.85 42.96 -21.65
CA ASN B 367 9.53 43.47 -22.05
C ASN B 367 8.91 44.32 -20.94
N LEU B 368 9.73 45.12 -20.27
CA LEU B 368 9.29 45.94 -19.17
C LEU B 368 9.86 47.35 -19.31
N ASN B 369 9.19 48.31 -18.68
CA ASN B 369 9.61 49.70 -18.66
C ASN B 369 9.77 50.15 -17.22
N LEU B 370 10.78 50.98 -16.98
CA LEU B 370 11.10 51.47 -15.65
C LEU B 370 10.68 52.93 -15.53
N ILE B 371 9.93 53.24 -14.47
CA ILE B 371 9.46 54.60 -14.20
C ILE B 371 9.68 54.90 -12.73
N GLY B 372 10.19 56.10 -12.46
CA GLY B 372 10.43 56.51 -11.09
C GLY B 372 11.82 56.16 -10.62
N ARG B 373 12.34 56.98 -9.71
CA ARG B 373 13.66 56.75 -9.15
C ARG B 373 13.63 55.60 -8.15
N PRO B 374 14.75 54.89 -7.97
CA PRO B 374 14.79 53.82 -6.96
C PRO B 374 14.63 54.36 -5.55
N SER B 375 13.54 53.99 -4.89
CA SER B 375 13.23 54.48 -3.56
C SER B 375 12.96 53.29 -2.64
N THR B 376 13.24 53.48 -1.35
CA THR B 376 13.10 52.41 -0.37
C THR B 376 12.44 52.89 0.92
N GLU B 377 11.50 53.83 0.82
CA GLU B 377 10.80 54.29 2.02
C GLU B 377 9.97 53.17 2.64
N HIS B 378 9.32 52.36 1.80
CA HIS B 378 8.53 51.20 2.25
C HIS B 378 8.91 50.04 1.34
N SER B 379 9.94 49.30 1.72
CA SER B 379 10.49 48.23 0.89
C SER B 379 10.08 46.87 1.45
N TRP B 380 9.71 45.97 0.53
CA TRP B 380 9.36 44.61 0.93
C TRP B 380 10.57 43.84 1.45
N PHE B 381 11.78 44.32 1.16
CA PHE B 381 13.01 43.72 1.62
C PHE B 381 13.84 44.76 2.38
N PRO B 382 14.59 44.33 3.40
CA PRO B 382 15.31 45.33 4.22
C PRO B 382 16.39 46.08 3.46
N GLY B 383 17.27 45.36 2.76
CA GLY B 383 18.42 45.99 2.14
C GLY B 383 18.24 46.29 0.67
N TYR B 384 17.00 46.34 0.19
CA TYR B 384 16.72 46.58 -1.21
C TYR B 384 15.96 47.89 -1.39
N ALA B 385 16.12 48.48 -2.57
CA ALA B 385 15.35 49.64 -2.99
C ALA B 385 14.47 49.23 -4.16
N TRP B 386 13.19 49.53 -4.06
CA TRP B 386 12.21 49.08 -5.05
C TRP B 386 11.91 50.19 -6.05
N THR B 387 11.74 49.80 -7.31
CA THR B 387 11.43 50.72 -8.39
C THR B 387 10.21 50.21 -9.13
N VAL B 388 9.24 51.09 -9.37
CA VAL B 388 8.00 50.70 -10.05
C VAL B 388 8.34 50.40 -11.51
N ALA B 389 8.32 49.13 -11.88
CA ALA B 389 8.59 48.70 -13.24
C ALA B 389 7.26 48.37 -13.91
N GLN B 390 6.87 49.20 -14.88
CA GLN B 390 5.65 48.98 -15.62
C GLN B 390 5.90 48.07 -16.82
N CYS B 391 4.82 47.68 -17.50
CA CYS B 391 4.93 46.83 -18.66
C CYS B 391 5.35 47.65 -19.88
N LYS B 392 5.51 46.97 -21.02
CA LYS B 392 5.96 47.62 -22.24
C LYS B 392 4.85 47.85 -23.25
N ILE B 393 3.78 47.06 -23.21
CA ILE B 393 2.70 47.18 -24.19
C ILE B 393 1.39 47.50 -23.47
N CYS B 394 0.94 46.59 -22.61
CA CYS B 394 -0.30 46.80 -21.88
C CYS B 394 -0.16 47.81 -20.75
N ALA B 395 1.08 48.11 -20.34
CA ALA B 395 1.37 49.13 -19.33
C ALA B 395 0.63 48.86 -18.01
N SER B 396 0.52 47.57 -17.66
CA SER B 396 -0.09 47.21 -16.40
C SER B 396 0.88 47.44 -15.25
N HIS B 397 0.33 47.63 -14.05
CA HIS B 397 1.12 47.90 -12.87
C HIS B 397 1.65 46.59 -12.28
N ILE B 398 2.47 45.91 -13.08
CA ILE B 398 3.09 44.65 -12.70
C ILE B 398 4.60 44.77 -12.92
N GLY B 399 5.37 44.37 -11.92
CA GLY B 399 6.81 44.43 -12.02
C GLY B 399 7.45 45.41 -11.06
N TRP B 400 8.59 45.03 -10.47
CA TRP B 400 9.31 45.91 -9.55
C TRP B 400 10.78 45.53 -9.60
N LYS B 401 11.59 46.37 -10.26
CA LYS B 401 13.02 46.16 -10.32
C LYS B 401 13.68 46.68 -9.05
N PHE B 402 14.65 45.91 -8.55
CA PHE B 402 15.41 46.29 -7.36
C PHE B 402 16.87 46.52 -7.75
N THR B 403 17.41 47.65 -7.32
CA THR B 403 18.76 48.06 -7.69
C THR B 403 19.74 47.78 -6.55
N ALA B 404 21.02 48.02 -6.82
CA ALA B 404 22.05 47.79 -5.83
C ALA B 404 22.02 48.86 -4.76
N THR B 405 22.29 48.46 -3.51
CA THR B 405 22.37 49.39 -2.40
C THR B 405 23.72 49.25 -1.70
N LYS B 406 24.27 48.04 -1.71
CA LYS B 406 25.56 47.74 -1.11
C LYS B 406 26.47 47.10 -2.15
N LYS B 407 27.63 46.62 -1.70
CA LYS B 407 28.60 46.02 -2.60
C LYS B 407 28.28 44.56 -2.88
N ASP B 408 28.24 43.74 -1.82
CA ASP B 408 27.99 42.31 -1.95
C ASP B 408 26.48 42.06 -2.00
N MET B 409 25.88 42.46 -3.12
CA MET B 409 24.45 42.31 -3.35
C MET B 409 24.26 41.91 -4.82
N SER B 410 23.03 42.03 -5.32
CA SER B 410 22.74 41.76 -6.71
C SER B 410 22.56 43.09 -7.44
N PRO B 411 23.55 43.55 -8.20
CA PRO B 411 23.43 44.87 -8.84
C PRO B 411 22.42 44.87 -9.97
N GLN B 412 21.24 45.46 -9.72
CA GLN B 412 20.21 45.67 -10.73
C GLN B 412 19.75 44.38 -11.39
N LYS B 413 19.84 43.26 -10.66
CA LYS B 413 19.36 41.96 -11.14
C LYS B 413 18.39 41.40 -10.10
N PHE B 414 17.13 41.83 -10.20
CA PHE B 414 16.06 41.36 -9.33
C PHE B 414 14.75 41.96 -9.83
N TRP B 415 13.67 41.19 -9.68
CA TRP B 415 12.35 41.65 -10.08
C TRP B 415 11.28 40.98 -9.22
N GLY B 416 10.11 41.62 -9.18
CA GLY B 416 8.96 41.07 -8.52
C GLY B 416 7.70 41.23 -9.36
N LEU B 417 7.07 40.12 -9.72
CA LEU B 417 5.97 40.13 -10.68
C LEU B 417 4.63 40.08 -9.96
N THR B 418 3.56 39.93 -10.74
CA THR B 418 2.19 39.92 -10.22
C THR B 418 1.38 38.87 -10.96
N ARG B 419 0.75 37.97 -10.20
CA ARG B 419 -0.09 36.93 -10.80
C ARG B 419 -1.39 37.46 -11.35
N SER B 420 -1.79 38.68 -10.99
CA SER B 420 -3.05 39.22 -11.48
C SER B 420 -3.03 39.36 -13.00
N ALA B 421 -1.92 39.83 -13.55
CA ALA B 421 -1.74 39.94 -15.00
C ALA B 421 -0.81 38.89 -15.56
N LEU B 422 -0.46 37.87 -14.78
CA LEU B 422 0.41 36.79 -15.22
C LEU B 422 -0.38 35.49 -15.22
N LEU B 423 -0.36 34.78 -16.35
CA LEU B 423 -1.10 33.53 -16.48
C LEU B 423 -0.28 32.54 -17.30
N PRO B 424 -0.16 31.29 -16.85
CA PRO B 424 0.52 30.27 -17.66
C PRO B 424 -0.22 30.02 -18.97
N THR B 425 0.56 29.67 -19.99
CA THR B 425 0.00 29.34 -21.30
C THR B 425 0.50 27.98 -21.78
#